data_9EZE
#
_entry.id   9EZE
#
_cell.length_a   76.427
_cell.length_b   126.191
_cell.length_c   129.863
_cell.angle_alpha   90.000
_cell.angle_beta   90.000
_cell.angle_gamma   90.000
#
_symmetry.space_group_name_H-M   'P 21 21 21'
#
loop_
_entity.id
_entity.type
_entity.pdbx_description
1 polymer 'Duffy receptor'
2 polymer 'Antibody DB9 heavy chain'
3 polymer 'Antibody DB9 light chain'
4 water water
#
loop_
_entity_poly.entity_id
_entity_poly.type
_entity_poly.pdbx_seq_one_letter_code
_entity_poly.pdbx_strand_id
1 'polypeptide(L)'
;SGNTVMKNCNYKRKRRERDWDCNTKKDVCIPDRRYQLCMKELTNLVNNTDTNFHRDITFRKLYLKRKLIYDAAVEGDLLL
KLNNYRYNKDFCKDIRWSLGDFGDIIMGTDMEGIGYSKVVENNLRSIFGTDEKAQQRRKQWWNESKAQIWTAMMYSVKKR
LKGNFIWICKLNVAVNIEPQIYRWIREWGRDYVSELPTEVQKLKEKCDGKINYTDKKVCKVPPCQNACKSYDQWITRKKN
QWDVLSNKFISVKNAEKVQTAGIVTPYDILKQELDEFNEVAFENEINKRDGAYIELCVCS
;
A,D
2 'polypeptide(L)'
;HPLCLSLHRCPLPGPTAPRFYRLNSTMGWSCIILFLVATATGVHSEVQLQESGPGLVKPSETLSLTCTVSGGSVSSSTYY
WGWVRQPPGKGLEWIGSIYYSGSTYYNPSLKSRVTISVDTSKNQFSLKLSSVTAADTAVYYCARDGTGALDLWGRGTLVT
VSSASTKGPSVFPLAPSSKSTSGGTAALGCLVKDYFPEPVTVSWNSGALTSGVHTFPAVLQSSGLYSLSSVVTVPSSSLG
TQTYICNVNHKPSNTKVDKRVEPKSCDKTHTCPPDPST
;
B,E
3 'polypeptide(L)'
;MGWSCIILFLVATATGVHGDIVMTQSPSTLSASVGDRVTITCRASQSISSWLAWYQQRPGKAPRLLIYKASSLLSGVPSR
FGGSGSGTDFTLTISSLQPDDFATYHCQHYNTYPWTFGQGTKVEIKRTVAAPSVFIFPPSDEQLKSGTASVVCLLNNFYP
REAKVQWKVDNALQSGNSQESVTEQDSKDSTYSLSSTLTLSKADYEKHKVYACEVTHQGLSSPVTKSFNRGEC
;
C,F
#
# COMPACT_ATOMS: atom_id res chain seq x y z
N GLU A 178 -18.09 -41.92 30.65
CA GLU A 178 -18.55 -43.29 30.79
C GLU A 178 -18.56 -44.02 29.45
N PRO A 179 -18.04 -45.25 29.43
CA PRO A 179 -18.03 -46.01 28.18
C PRO A 179 -19.43 -46.37 27.70
N GLN A 180 -20.44 -46.43 28.60
CA GLN A 180 -21.83 -46.78 28.27
C GLN A 180 -22.49 -45.86 27.23
N ILE A 181 -22.49 -44.52 27.47
CA ILE A 181 -23.08 -43.58 26.51
C ILE A 181 -22.29 -43.62 25.18
N TYR A 182 -20.97 -43.85 25.23
CA TYR A 182 -20.13 -43.98 24.04
C TYR A 182 -20.63 -45.18 23.22
N ARG A 183 -20.94 -46.31 23.87
CA ARG A 183 -21.46 -47.48 23.19
C ARG A 183 -22.83 -47.18 22.57
N TRP A 184 -23.72 -46.49 23.29
CA TRP A 184 -25.06 -46.15 22.80
C TRP A 184 -24.97 -45.28 21.56
N ILE A 185 -24.08 -44.28 21.58
CA ILE A 185 -23.89 -43.40 20.41
C ILE A 185 -23.32 -44.19 19.22
N ARG A 186 -22.36 -45.11 19.47
CA ARG A 186 -21.81 -45.94 18.38
C ARG A 186 -22.89 -46.80 17.77
N GLU A 187 -23.73 -47.46 18.59
CA GLU A 187 -24.82 -48.31 18.09
C GLU A 187 -25.85 -47.47 17.34
N TRP A 188 -26.20 -46.31 17.90
CA TRP A 188 -27.22 -45.45 17.27
C TRP A 188 -26.70 -44.97 15.92
N GLY A 189 -25.43 -44.55 15.87
CA GLY A 189 -24.89 -44.04 14.59
C GLY A 189 -24.78 -45.12 13.53
N ARG A 190 -24.45 -46.39 13.91
CA ARG A 190 -24.38 -47.49 12.91
C ARG A 190 -25.77 -47.75 12.38
N ASP A 191 -26.78 -47.71 13.27
CA ASP A 191 -28.17 -47.93 12.87
C ASP A 191 -28.63 -46.78 11.96
N TYR A 192 -28.28 -45.54 12.29
CA TYR A 192 -28.71 -44.39 11.52
C TYR A 192 -28.11 -44.44 10.13
N VAL A 193 -26.80 -44.76 10.03
CA VAL A 193 -26.20 -44.73 8.69
C VAL A 193 -26.70 -45.87 7.81
N SER A 194 -27.16 -46.99 8.39
CA SER A 194 -27.73 -48.04 7.54
C SER A 194 -29.18 -47.73 7.13
N GLU A 195 -29.97 -47.07 7.98
CA GLU A 195 -31.39 -46.73 7.69
C GLU A 195 -31.51 -45.55 6.73
N LEU A 196 -30.64 -44.53 6.87
CA LEU A 196 -30.75 -43.31 6.05
C LEU A 196 -30.85 -43.58 4.54
N PRO A 197 -29.97 -44.36 3.92
CA PRO A 197 -30.12 -44.59 2.45
C PRO A 197 -31.40 -45.32 2.10
N THR A 198 -31.89 -46.20 2.99
CA THR A 198 -33.16 -46.91 2.71
C THR A 198 -34.31 -45.89 2.73
N GLU A 199 -34.29 -44.96 3.70
CA GLU A 199 -35.31 -43.90 3.79
C GLU A 199 -35.25 -42.94 2.62
N VAL A 200 -34.05 -42.54 2.20
CA VAL A 200 -33.91 -41.66 1.04
C VAL A 200 -34.39 -42.36 -0.22
N GLN A 201 -34.07 -43.65 -0.36
CA GLN A 201 -34.51 -44.40 -1.55
C GLN A 201 -36.02 -44.51 -1.64
N LYS A 202 -36.71 -44.57 -0.47
CA LYS A 202 -38.19 -44.56 -0.52
C LYS A 202 -38.71 -43.25 -1.11
N LEU A 203 -38.05 -42.11 -0.79
CA LEU A 203 -38.45 -40.84 -1.39
C LEU A 203 -38.11 -40.85 -2.86
N LYS A 204 -36.91 -41.33 -3.26
CA LYS A 204 -36.56 -41.28 -4.69
C LYS A 204 -37.55 -42.06 -5.57
N GLU A 205 -38.03 -43.21 -5.07
CA GLU A 205 -38.96 -44.04 -5.85
C GLU A 205 -40.22 -43.29 -6.20
N LYS A 206 -40.71 -42.45 -5.28
CA LYS A 206 -41.99 -41.75 -5.53
C LYS A 206 -41.85 -40.32 -5.98
N CYS A 207 -40.74 -39.65 -5.62
CA CYS A 207 -40.58 -38.20 -5.83
C CYS A 207 -39.61 -37.80 -6.92
N ASP A 208 -38.71 -38.69 -7.35
CA ASP A 208 -37.69 -38.34 -8.35
C ASP A 208 -38.34 -38.14 -9.67
N GLY A 209 -37.78 -37.23 -10.41
CA GLY A 209 -38.22 -36.92 -11.76
C GLY A 209 -37.08 -36.35 -12.58
N LYS A 210 -37.34 -36.17 -13.86
CA LYS A 210 -36.36 -35.58 -14.76
C LYS A 210 -36.19 -34.09 -14.39
N ILE A 211 -34.97 -33.55 -14.55
CA ILE A 211 -34.77 -32.12 -14.25
C ILE A 211 -35.28 -31.35 -15.44
N ASN A 212 -36.59 -31.05 -15.41
CA ASN A 212 -37.29 -30.43 -16.52
C ASN A 212 -37.82 -29.03 -16.27
N TYR A 213 -37.45 -28.39 -15.15
CA TYR A 213 -37.83 -26.99 -14.93
C TYR A 213 -39.29 -26.77 -14.55
N THR A 214 -40.09 -27.84 -14.42
CA THR A 214 -41.50 -27.77 -14.05
C THR A 214 -41.59 -28.12 -12.54
N ASP A 215 -42.81 -28.14 -11.99
CA ASP A 215 -43.03 -28.46 -10.60
C ASP A 215 -42.40 -29.77 -10.16
N LYS A 216 -41.87 -29.78 -8.95
CA LYS A 216 -41.41 -31.02 -8.34
C LYS A 216 -42.66 -31.91 -8.10
N LYS A 217 -42.48 -33.24 -8.07
CA LYS A 217 -43.63 -34.11 -7.86
C LYS A 217 -44.34 -33.86 -6.54
N VAL A 218 -43.63 -33.36 -5.52
CA VAL A 218 -44.26 -33.11 -4.22
C VAL A 218 -45.33 -32.02 -4.29
N CYS A 219 -45.31 -31.18 -5.34
CA CYS A 219 -46.33 -30.13 -5.44
C CYS A 219 -47.74 -30.71 -5.55
N LYS A 220 -47.91 -31.84 -6.29
CA LYS A 220 -49.27 -32.39 -6.47
C LYS A 220 -49.40 -33.91 -6.51
N VAL A 221 -48.30 -34.69 -6.55
CA VAL A 221 -48.41 -36.16 -6.68
C VAL A 221 -48.63 -36.81 -5.30
N PRO A 222 -49.84 -37.35 -5.01
CA PRO A 222 -50.09 -37.89 -3.66
C PRO A 222 -49.13 -38.98 -3.16
N PRO A 223 -48.69 -39.98 -3.95
CA PRO A 223 -47.73 -40.96 -3.40
C PRO A 223 -46.40 -40.29 -3.01
N CYS A 224 -46.02 -39.18 -3.68
CA CYS A 224 -44.77 -38.48 -3.31
C CYS A 224 -45.03 -37.70 -2.02
N GLN A 225 -46.16 -37.02 -1.92
CA GLN A 225 -46.48 -36.29 -0.69
C GLN A 225 -46.56 -37.24 0.52
N ASN A 226 -47.08 -38.44 0.33
CA ASN A 226 -47.18 -39.41 1.40
C ASN A 226 -45.81 -39.94 1.77
N ALA A 227 -44.94 -40.14 0.78
CA ALA A 227 -43.57 -40.58 1.06
C ALA A 227 -42.83 -39.50 1.89
N CYS A 228 -43.00 -38.23 1.51
CA CYS A 228 -42.41 -37.15 2.26
C CYS A 228 -42.91 -37.07 3.69
N LYS A 229 -44.21 -37.29 3.89
CA LYS A 229 -44.76 -37.29 5.25
C LYS A 229 -44.15 -38.42 6.06
N SER A 230 -43.99 -39.61 5.45
CA SER A 230 -43.39 -40.73 6.20
C SER A 230 -41.89 -40.47 6.52
N TYR A 231 -41.13 -39.87 5.57
CA TYR A 231 -39.73 -39.54 5.83
C TYR A 231 -39.65 -38.50 6.94
N ASP A 232 -40.53 -37.50 6.92
CA ASP A 232 -40.55 -36.46 7.94
C ASP A 232 -40.81 -37.08 9.33
N GLN A 233 -41.69 -38.07 9.43
CA GLN A 233 -41.93 -38.75 10.71
C GLN A 233 -40.64 -39.45 11.18
N TRP A 234 -39.97 -40.13 10.22
CA TRP A 234 -38.77 -40.86 10.55
C TRP A 234 -37.65 -39.91 10.98
N ILE A 235 -37.36 -38.88 10.19
CA ILE A 235 -36.24 -37.98 10.53
C ILE A 235 -36.53 -37.16 11.79
N THR A 236 -37.78 -36.85 12.07
CA THR A 236 -38.14 -36.12 13.29
C THR A 236 -37.84 -37.00 14.52
N ARG A 237 -38.14 -38.30 14.40
CA ARG A 237 -37.84 -39.24 15.45
C ARG A 237 -36.30 -39.36 15.64
N LYS A 238 -35.55 -39.40 14.52
CA LYS A 238 -34.07 -39.46 14.62
C LYS A 238 -33.53 -38.23 15.33
N LYS A 239 -34.04 -37.05 14.99
CA LYS A 239 -33.60 -35.83 15.66
C LYS A 239 -33.89 -35.88 17.19
N ASN A 240 -35.08 -36.36 17.55
CA ASN A 240 -35.43 -36.45 18.99
C ASN A 240 -34.52 -37.42 19.73
N GLN A 241 -34.19 -38.56 19.11
CA GLN A 241 -33.31 -39.57 19.71
C GLN A 241 -31.93 -38.98 19.86
N TRP A 242 -31.45 -38.29 18.82
CA TRP A 242 -30.12 -37.70 18.87
C TRP A 242 -30.01 -36.64 19.97
N ASP A 243 -31.07 -35.83 20.13
CA ASP A 243 -31.09 -34.84 21.21
C ASP A 243 -30.99 -35.48 22.58
N VAL A 244 -31.71 -36.62 22.78
CA VAL A 244 -31.66 -37.34 24.05
C VAL A 244 -30.24 -37.86 24.29
N LEU A 245 -29.62 -38.51 23.27
CA LEU A 245 -28.27 -39.06 23.43
C LEU A 245 -27.22 -37.99 23.61
N SER A 246 -27.38 -36.83 22.97
CA SER A 246 -26.41 -35.74 23.12
C SER A 246 -26.46 -35.21 24.52
N ASN A 247 -27.68 -35.02 25.07
CA ASN A 247 -27.81 -34.55 26.44
C ASN A 247 -27.24 -35.54 27.42
N LYS A 248 -27.40 -36.87 27.17
CA LYS A 248 -26.85 -37.89 28.06
C LYS A 248 -25.33 -37.78 28.00
N PHE A 249 -24.74 -37.60 26.79
CA PHE A 249 -23.31 -37.37 26.60
C PHE A 249 -22.82 -36.17 27.44
N ILE A 250 -23.49 -35.03 27.35
CA ILE A 250 -23.11 -33.84 28.09
C ILE A 250 -23.24 -34.09 29.60
N SER A 251 -24.33 -34.73 30.03
CA SER A 251 -24.51 -35.04 31.45
C SER A 251 -23.39 -35.93 31.96
N VAL A 252 -22.96 -36.89 31.13
CA VAL A 252 -21.90 -37.83 31.48
C VAL A 252 -20.58 -37.09 31.56
N LYS A 253 -20.25 -36.29 30.53
CA LYS A 253 -19.01 -35.50 30.58
C LYS A 253 -18.98 -34.54 31.79
N ASN A 254 -20.13 -34.04 32.23
CA ASN A 254 -20.17 -33.12 33.37
C ASN A 254 -20.05 -33.82 34.72
N ALA A 255 -20.51 -35.07 34.80
CA ALA A 255 -20.43 -35.83 36.05
C ALA A 255 -19.11 -36.62 36.21
N GLU A 256 -18.35 -36.80 35.13
CA GLU A 256 -17.09 -37.55 35.22
C GLU A 256 -15.89 -36.63 35.05
N LYS A 257 -14.76 -37.05 35.59
CA LYS A 257 -13.53 -36.27 35.45
C LYS A 257 -12.83 -36.77 34.18
N VAL A 258 -12.62 -38.10 34.08
CA VAL A 258 -11.92 -38.79 33.00
C VAL A 258 -12.39 -38.41 31.60
N GLN A 259 -11.43 -38.34 30.69
CA GLN A 259 -11.65 -37.98 29.30
C GLN A 259 -11.36 -39.19 28.40
N THR A 260 -11.79 -39.10 27.14
CA THR A 260 -11.48 -40.05 26.10
C THR A 260 -10.76 -39.21 25.05
N ALA A 261 -9.54 -39.61 24.65
CA ALA A 261 -8.73 -38.84 23.72
C ALA A 261 -9.42 -38.52 22.42
N GLY A 262 -9.37 -37.23 22.06
CA GLY A 262 -9.99 -36.71 20.84
C GLY A 262 -11.49 -36.57 20.92
N ILE A 263 -12.13 -36.90 22.06
CA ILE A 263 -13.60 -36.80 22.15
C ILE A 263 -14.06 -35.57 22.91
N VAL A 264 -14.54 -34.55 22.20
CA VAL A 264 -15.04 -33.31 22.80
C VAL A 264 -16.57 -33.31 22.68
N THR A 265 -17.08 -33.72 21.53
CA THR A 265 -18.53 -33.74 21.30
C THR A 265 -19.02 -35.15 20.93
N PRO A 266 -20.35 -35.34 20.92
CA PRO A 266 -20.88 -36.63 20.46
C PRO A 266 -20.52 -36.92 19.01
N TYR A 267 -20.33 -35.86 18.16
CA TYR A 267 -19.91 -36.03 16.75
C TYR A 267 -18.55 -36.68 16.63
N ASP A 268 -17.66 -36.47 17.61
CA ASP A 268 -16.34 -37.07 17.58
C ASP A 268 -16.43 -38.59 17.78
N ILE A 269 -17.42 -39.08 18.51
CA ILE A 269 -17.63 -40.52 18.70
C ILE A 269 -18.04 -41.10 17.33
N LEU A 270 -19.03 -40.47 16.65
CA LEU A 270 -19.49 -40.93 15.35
C LEU A 270 -18.36 -40.85 14.33
N LYS A 271 -17.60 -39.74 14.32
CA LYS A 271 -16.48 -39.56 13.38
C LYS A 271 -15.41 -40.64 13.58
N GLN A 272 -15.12 -41.00 14.83
CA GLN A 272 -14.13 -42.01 15.16
C GLN A 272 -14.58 -43.43 14.78
N GLU A 273 -15.87 -43.74 14.98
CA GLU A 273 -16.37 -45.09 14.71
C GLU A 273 -16.95 -45.36 13.30
N LEU A 274 -17.48 -44.35 12.59
CA LEU A 274 -18.09 -44.56 11.27
C LEU A 274 -17.14 -44.26 10.12
N ASP A 275 -17.46 -44.78 8.93
CA ASP A 275 -16.66 -44.53 7.73
C ASP A 275 -17.21 -43.24 7.08
N GLU A 276 -16.40 -42.18 7.03
CA GLU A 276 -16.78 -40.95 6.36
C GLU A 276 -18.07 -40.34 6.88
N PHE A 277 -18.14 -40.20 8.19
CA PHE A 277 -19.23 -39.50 8.82
C PHE A 277 -18.82 -38.01 8.65
N ASN A 278 -19.74 -37.12 8.28
CA ASN A 278 -19.44 -35.69 8.17
C ASN A 278 -20.45 -34.95 9.02
N GLU A 279 -19.97 -34.11 9.92
CA GLU A 279 -20.82 -33.39 10.85
C GLU A 279 -21.85 -32.48 10.17
N VAL A 280 -21.41 -31.72 9.13
CA VAL A 280 -22.35 -30.82 8.49
C VAL A 280 -23.42 -31.62 7.80
N ALA A 281 -23.07 -32.75 7.13
CA ALA A 281 -24.11 -33.58 6.47
C ALA A 281 -25.13 -34.13 7.51
N PHE A 282 -24.62 -34.59 8.64
CA PHE A 282 -25.49 -35.15 9.67
C PHE A 282 -26.43 -34.07 10.23
N GLU A 283 -25.88 -32.90 10.59
CA GLU A 283 -26.69 -31.79 11.11
C GLU A 283 -27.74 -31.34 10.11
N ASN A 284 -27.38 -31.31 8.81
CA ASN A 284 -28.35 -30.97 7.80
C ASN A 284 -29.45 -32.02 7.71
N GLU A 285 -29.09 -33.31 7.68
CA GLU A 285 -30.09 -34.38 7.58
C GLU A 285 -31.08 -34.32 8.73
N ILE A 286 -30.56 -34.22 9.96
CA ILE A 286 -31.51 -34.24 11.09
C ILE A 286 -32.34 -32.96 11.20
N ASN A 287 -31.90 -31.86 10.57
CA ASN A 287 -32.66 -30.63 10.54
C ASN A 287 -33.40 -30.39 9.21
N LYS A 288 -33.51 -31.43 8.35
CA LYS A 288 -34.23 -31.33 7.07
C LYS A 288 -33.68 -30.19 6.18
N ARG A 289 -32.39 -30.00 6.24
CA ARG A 289 -31.68 -29.03 5.40
C ARG A 289 -30.79 -29.74 4.37
N ASP A 290 -30.81 -31.07 4.28
CA ASP A 290 -30.04 -31.81 3.31
C ASP A 290 -30.65 -31.66 1.92
N GLY A 291 -29.86 -31.96 0.92
CA GLY A 291 -30.32 -31.88 -0.46
C GLY A 291 -31.50 -32.80 -0.74
N ALA A 292 -31.54 -34.04 -0.18
CA ALA A 292 -32.63 -34.95 -0.52
C ALA A 292 -33.98 -34.39 -0.06
N TYR A 293 -34.07 -33.94 1.21
CA TYR A 293 -35.36 -33.38 1.68
C TYR A 293 -35.73 -32.14 0.92
N ILE A 294 -34.77 -31.23 0.66
CA ILE A 294 -35.10 -30.00 -0.06
C ILE A 294 -35.50 -30.28 -1.50
N GLU A 295 -34.73 -31.12 -2.19
CA GLU A 295 -34.98 -31.36 -3.60
C GLU A 295 -36.20 -32.26 -3.87
N LEU A 296 -36.55 -33.11 -2.92
CA LEU A 296 -37.65 -34.05 -3.14
C LEU A 296 -38.91 -33.67 -2.40
N CYS A 297 -38.80 -32.97 -1.27
CA CYS A 297 -39.98 -32.75 -0.44
C CYS A 297 -40.39 -31.31 -0.23
N VAL A 298 -39.66 -30.32 -0.78
CA VAL A 298 -40.08 -28.94 -0.61
C VAL A 298 -40.61 -28.49 -1.98
N CYS A 299 -41.89 -28.08 -2.07
CA CYS A 299 -42.43 -27.69 -3.40
C CYS A 299 -41.79 -26.42 -3.98
N SER A 300 -41.29 -26.55 -5.22
CA SER A 300 -40.74 -25.54 -6.09
C SER A 300 -40.76 -26.10 -7.54
N GLU B 46 -9.87 -40.55 2.89
CA GLU B 46 -10.32 -39.17 3.09
C GLU B 46 -10.80 -38.58 1.74
N VAL B 47 -11.87 -37.79 1.79
CA VAL B 47 -12.39 -37.16 0.57
C VAL B 47 -11.52 -36.02 0.18
N GLN B 48 -11.14 -35.98 -1.10
CA GLN B 48 -10.37 -34.88 -1.65
C GLN B 48 -11.05 -34.40 -2.94
N LEU B 49 -10.98 -33.09 -3.18
CA LEU B 49 -11.54 -32.49 -4.39
C LEU B 49 -10.37 -32.00 -5.21
N GLN B 50 -10.34 -32.40 -6.47
CA GLN B 50 -9.22 -32.11 -7.36
C GLN B 50 -9.70 -31.33 -8.57
N GLU B 51 -9.25 -30.09 -8.70
CA GLU B 51 -9.64 -29.29 -9.86
C GLU B 51 -8.71 -29.59 -11.05
N SER B 52 -9.24 -29.44 -12.25
CA SER B 52 -8.51 -29.60 -13.50
C SER B 52 -9.10 -28.70 -14.55
N GLY B 53 -8.25 -28.29 -15.47
CA GLY B 53 -8.70 -27.37 -16.52
C GLY B 53 -7.64 -26.35 -16.79
N PRO B 54 -7.73 -25.73 -17.97
CA PRO B 54 -6.67 -24.79 -18.38
C PRO B 54 -6.55 -23.60 -17.47
N GLY B 55 -5.31 -23.13 -17.33
CA GLY B 55 -4.99 -21.96 -16.55
C GLY B 55 -4.98 -20.67 -17.40
N LEU B 56 -5.12 -20.76 -18.71
CA LEU B 56 -5.12 -19.60 -19.60
C LEU B 56 -6.35 -19.71 -20.53
N VAL B 57 -7.15 -18.63 -20.61
CA VAL B 57 -8.34 -18.55 -21.46
C VAL B 57 -8.33 -17.24 -22.23
N LYS B 58 -8.61 -17.26 -23.55
CA LYS B 58 -8.65 -16.02 -24.30
C LYS B 58 -9.92 -15.23 -24.02
N PRO B 59 -9.83 -13.88 -24.03
CA PRO B 59 -11.08 -13.08 -23.86
C PRO B 59 -12.13 -13.49 -24.90
N SER B 60 -13.40 -13.54 -24.48
CA SER B 60 -14.57 -13.93 -25.25
C SER B 60 -14.76 -15.46 -25.35
N GLU B 61 -13.78 -16.27 -24.93
CA GLU B 61 -13.93 -17.73 -24.98
C GLU B 61 -14.56 -18.23 -23.66
N THR B 62 -14.75 -19.53 -23.54
CA THR B 62 -15.36 -20.03 -22.31
C THR B 62 -14.35 -20.76 -21.47
N LEU B 63 -14.40 -20.41 -20.19
CA LEU B 63 -13.57 -21.00 -19.17
C LEU B 63 -14.26 -22.30 -18.75
N SER B 64 -13.50 -23.37 -18.70
CA SER B 64 -14.05 -24.69 -18.31
C SER B 64 -13.14 -25.30 -17.26
N LEU B 65 -13.75 -25.76 -16.16
CA LEU B 65 -13.02 -26.44 -15.11
C LEU B 65 -13.79 -27.66 -14.66
N THR B 66 -13.09 -28.68 -14.18
CA THR B 66 -13.74 -29.88 -13.66
C THR B 66 -13.22 -30.16 -12.26
N CYS B 67 -14.06 -30.72 -11.40
CA CYS B 67 -13.67 -31.12 -10.04
C CYS B 67 -13.94 -32.61 -10.00
N THR B 68 -12.91 -33.38 -9.65
CA THR B 68 -13.05 -34.82 -9.50
C THR B 68 -13.05 -35.11 -8.02
N VAL B 69 -14.04 -35.86 -7.57
CA VAL B 69 -14.11 -36.25 -6.17
C VAL B 69 -13.27 -37.54 -6.05
N SER B 70 -12.39 -37.56 -5.09
CA SER B 70 -11.60 -38.77 -4.84
C SER B 70 -11.78 -39.18 -3.39
N GLY B 71 -11.82 -40.47 -3.11
CA GLY B 71 -12.03 -40.97 -1.75
C GLY B 71 -13.46 -40.83 -1.25
N GLY B 72 -14.35 -40.44 -2.13
CA GLY B 72 -15.77 -40.24 -1.82
C GLY B 72 -16.58 -40.20 -3.10
N SER B 73 -17.85 -39.83 -2.97
CA SER B 73 -18.77 -39.85 -4.11
C SER B 73 -19.48 -38.54 -4.36
N VAL B 74 -19.55 -38.13 -5.63
CA VAL B 74 -20.34 -36.96 -6.00
C VAL B 74 -21.85 -37.28 -5.87
N SER B 75 -22.22 -38.58 -5.86
CA SER B 75 -23.64 -38.97 -5.80
C SER B 75 -24.11 -38.93 -4.34
N SER B 76 -23.96 -37.78 -3.71
CA SER B 76 -24.34 -37.60 -2.31
C SER B 76 -25.81 -37.21 -2.28
N SER B 77 -26.63 -37.92 -1.48
CA SER B 77 -28.01 -37.46 -1.37
C SER B 77 -28.09 -36.24 -0.42
N THR B 78 -27.05 -35.94 0.38
CA THR B 78 -27.12 -34.79 1.32
C THR B 78 -26.49 -33.53 0.78
N TYR B 79 -25.30 -33.63 0.19
CA TYR B 79 -24.58 -32.44 -0.21
C TYR B 79 -24.91 -31.88 -1.59
N TYR B 80 -24.60 -30.58 -1.79
CA TYR B 80 -24.53 -29.93 -3.09
C TYR B 80 -23.02 -29.75 -3.37
N TRP B 81 -22.68 -29.41 -4.60
CA TRP B 81 -21.29 -29.27 -5.06
C TRP B 81 -21.23 -27.93 -5.71
N GLY B 82 -20.23 -27.13 -5.33
CA GLY B 82 -20.17 -25.77 -5.81
C GLY B 82 -18.84 -25.23 -6.24
N TRP B 83 -18.91 -24.04 -6.79
CA TRP B 83 -17.75 -23.33 -7.26
C TRP B 83 -17.73 -21.96 -6.62
N VAL B 84 -16.53 -21.52 -6.22
CA VAL B 84 -16.32 -20.20 -5.59
C VAL B 84 -15.09 -19.60 -6.25
N ARG B 85 -15.05 -18.29 -6.48
CA ARG B 85 -13.83 -17.69 -7.06
C ARG B 85 -13.35 -16.51 -6.23
N GLN B 86 -12.07 -16.16 -6.39
CA GLN B 86 -11.42 -15.08 -5.65
C GLN B 86 -10.47 -14.36 -6.63
N PRO B 87 -10.93 -13.26 -7.21
CA PRO B 87 -10.05 -12.47 -8.09
C PRO B 87 -8.90 -11.91 -7.24
N PRO B 88 -7.74 -11.68 -7.87
CA PRO B 88 -6.56 -11.22 -7.10
C PRO B 88 -6.84 -9.95 -6.31
N GLY B 89 -6.54 -9.98 -5.02
CA GLY B 89 -6.78 -8.86 -4.12
C GLY B 89 -8.25 -8.49 -3.90
N LYS B 90 -9.19 -9.44 -4.14
CA LYS B 90 -10.62 -9.19 -3.94
C LYS B 90 -11.24 -10.27 -3.02
N GLY B 91 -12.54 -10.19 -2.79
CA GLY B 91 -13.23 -11.12 -1.91
C GLY B 91 -13.72 -12.37 -2.61
N LEU B 92 -14.19 -13.32 -1.81
CA LEU B 92 -14.73 -14.55 -2.34
C LEU B 92 -16.11 -14.33 -2.94
N GLU B 93 -16.43 -15.05 -4.03
CA GLU B 93 -17.74 -14.93 -4.68
C GLU B 93 -18.25 -16.34 -4.98
N TRP B 94 -19.40 -16.73 -4.46
CA TRP B 94 -19.98 -18.04 -4.75
C TRP B 94 -20.56 -17.97 -6.14
N ILE B 95 -20.20 -18.92 -7.03
CA ILE B 95 -20.69 -18.89 -8.41
C ILE B 95 -21.99 -19.62 -8.54
N GLY B 96 -22.04 -20.83 -7.97
CA GLY B 96 -23.23 -21.65 -7.99
C GLY B 96 -23.00 -23.01 -7.39
N SER B 97 -24.06 -23.79 -7.25
CA SER B 97 -23.98 -25.15 -6.72
C SER B 97 -24.94 -26.05 -7.48
N ILE B 98 -24.63 -27.34 -7.45
CA ILE B 98 -25.44 -28.35 -8.10
C ILE B 98 -25.66 -29.55 -7.23
N TYR B 99 -26.85 -30.16 -7.35
CA TYR B 99 -27.16 -31.40 -6.67
C TYR B 99 -26.89 -32.55 -7.66
N TYR B 100 -26.64 -33.77 -7.18
CA TYR B 100 -26.32 -34.87 -8.11
C TYR B 100 -27.45 -35.21 -9.08
N SER B 101 -28.69 -34.78 -8.79
CA SER B 101 -29.83 -34.91 -9.71
C SER B 101 -29.68 -34.03 -10.96
N GLY B 102 -28.88 -32.95 -10.86
CA GLY B 102 -28.72 -31.97 -11.93
C GLY B 102 -29.32 -30.62 -11.57
N SER B 103 -30.06 -30.51 -10.44
CA SER B 103 -30.64 -29.20 -10.05
C SER B 103 -29.55 -28.21 -9.69
N THR B 104 -29.64 -26.99 -10.20
CA THR B 104 -28.65 -25.97 -9.95
C THR B 104 -29.19 -24.70 -9.31
N TYR B 105 -28.27 -23.96 -8.68
CA TYR B 105 -28.49 -22.65 -8.06
C TYR B 105 -27.34 -21.78 -8.44
N TYR B 106 -27.61 -20.63 -8.99
CA TYR B 106 -26.55 -19.73 -9.49
C TYR B 106 -26.61 -18.35 -8.88
N ASN B 107 -25.45 -17.73 -8.70
CA ASN B 107 -25.38 -16.34 -8.27
C ASN B 107 -25.96 -15.46 -9.39
N PRO B 108 -26.92 -14.56 -9.05
CA PRO B 108 -27.47 -13.67 -10.10
C PRO B 108 -26.45 -12.78 -10.79
N SER B 109 -25.30 -12.53 -10.18
CA SER B 109 -24.24 -11.74 -10.80
C SER B 109 -23.65 -12.45 -12.03
N LEU B 110 -23.85 -13.79 -12.16
CA LEU B 110 -23.30 -14.57 -13.26
C LEU B 110 -24.30 -15.44 -14.02
N LYS B 111 -25.57 -15.51 -13.56
CA LYS B 111 -26.55 -16.45 -14.11
C LYS B 111 -26.71 -16.46 -15.66
N SER B 112 -26.43 -15.35 -16.35
CA SER B 112 -26.59 -15.33 -17.81
C SER B 112 -25.39 -15.95 -18.55
N ARG B 113 -24.29 -16.29 -17.86
CA ARG B 113 -23.15 -16.87 -18.57
C ARG B 113 -22.49 -18.01 -17.84
N VAL B 114 -23.23 -18.66 -16.95
CA VAL B 114 -22.63 -19.76 -16.21
C VAL B 114 -23.45 -21.03 -16.32
N THR B 115 -22.76 -22.17 -16.40
CA THR B 115 -23.41 -23.47 -16.42
C THR B 115 -22.59 -24.38 -15.52
N ILE B 116 -23.26 -25.04 -14.59
CA ILE B 116 -22.57 -26.03 -13.74
C ILE B 116 -23.25 -27.35 -14.13
N SER B 117 -22.43 -28.40 -14.27
CA SER B 117 -22.91 -29.74 -14.65
C SER B 117 -22.37 -30.77 -13.69
N VAL B 118 -23.00 -31.94 -13.67
CA VAL B 118 -22.55 -33.05 -12.84
C VAL B 118 -22.58 -34.34 -13.66
N ASP B 119 -21.56 -35.17 -13.49
CA ASP B 119 -21.48 -36.46 -14.20
C ASP B 119 -21.24 -37.52 -13.16
N THR B 120 -22.36 -38.11 -12.66
CA THR B 120 -22.24 -39.10 -11.62
C THR B 120 -21.53 -40.36 -12.11
N SER B 121 -21.54 -40.66 -13.41
CA SER B 121 -20.84 -41.84 -13.92
C SER B 121 -19.31 -41.67 -13.94
N LYS B 122 -18.81 -40.43 -13.77
CA LYS B 122 -17.38 -40.14 -13.72
C LYS B 122 -16.94 -39.49 -12.39
N ASN B 123 -17.87 -39.38 -11.39
CA ASN B 123 -17.52 -38.84 -10.08
C ASN B 123 -16.98 -37.43 -10.18
N GLN B 124 -17.63 -36.62 -11.02
CA GLN B 124 -17.15 -35.28 -11.24
C GLN B 124 -18.27 -34.29 -11.37
N PHE B 125 -17.89 -32.99 -11.25
CA PHE B 125 -18.79 -31.90 -11.57
C PHE B 125 -17.98 -30.81 -12.20
N SER B 126 -18.64 -29.93 -12.95
CA SER B 126 -17.88 -28.99 -13.78
C SER B 126 -18.47 -27.62 -13.86
N LEU B 127 -17.65 -26.66 -14.33
CA LEU B 127 -18.07 -25.25 -14.45
C LEU B 127 -17.75 -24.78 -15.88
N LYS B 128 -18.67 -24.05 -16.48
CA LYS B 128 -18.38 -23.39 -17.77
C LYS B 128 -18.85 -21.94 -17.61
N LEU B 129 -17.95 -20.98 -17.85
CA LEU B 129 -18.29 -19.56 -17.75
C LEU B 129 -17.97 -18.97 -19.11
N SER B 130 -18.98 -18.47 -19.79
CA SER B 130 -18.80 -17.99 -21.15
C SER B 130 -18.44 -16.51 -21.22
N SER B 131 -18.01 -16.10 -22.42
CA SER B 131 -17.67 -14.71 -22.75
C SER B 131 -16.80 -14.05 -21.71
N VAL B 132 -15.71 -14.72 -21.33
CA VAL B 132 -14.87 -14.18 -20.26
C VAL B 132 -14.11 -12.91 -20.63
N THR B 133 -13.85 -12.08 -19.62
CA THR B 133 -13.00 -10.90 -19.76
C THR B 133 -11.90 -11.02 -18.68
N ALA B 134 -10.92 -10.08 -18.67
CA ALA B 134 -9.93 -10.06 -17.62
C ALA B 134 -10.58 -9.92 -16.22
N ALA B 135 -11.83 -9.42 -16.11
CA ALA B 135 -12.46 -9.37 -14.77
C ALA B 135 -12.73 -10.82 -14.23
N ASP B 136 -12.68 -11.84 -15.09
CA ASP B 136 -12.87 -13.24 -14.70
C ASP B 136 -11.57 -13.92 -14.28
N THR B 137 -10.41 -13.23 -14.38
CA THR B 137 -9.14 -13.79 -13.89
C THR B 137 -9.27 -13.93 -12.37
N ALA B 138 -9.08 -15.17 -11.88
CA ALA B 138 -9.32 -15.43 -10.46
C ALA B 138 -8.84 -16.82 -10.12
N VAL B 139 -8.69 -17.07 -8.81
CA VAL B 139 -8.49 -18.43 -8.34
C VAL B 139 -9.93 -19.02 -8.23
N TYR B 140 -10.15 -20.16 -8.89
CA TYR B 140 -11.44 -20.86 -8.83
C TYR B 140 -11.30 -22.09 -7.96
N TYR B 141 -12.20 -22.24 -6.97
CA TYR B 141 -12.22 -23.35 -6.06
C TYR B 141 -13.49 -24.17 -6.27
N CYS B 142 -13.34 -25.46 -6.23
CA CYS B 142 -14.50 -26.34 -6.13
C CYS B 142 -14.68 -26.65 -4.64
N ALA B 143 -15.92 -26.90 -4.23
CA ALA B 143 -16.22 -27.08 -2.83
C ALA B 143 -17.44 -28.00 -2.65
N ARG B 144 -17.46 -28.64 -1.50
CA ARG B 144 -18.60 -29.47 -1.11
C ARG B 144 -19.49 -28.52 -0.33
N ASP B 145 -20.73 -28.35 -0.78
CA ASP B 145 -21.63 -27.34 -0.24
C ASP B 145 -22.70 -28.00 0.61
N GLY B 146 -22.54 -27.90 1.93
CA GLY B 146 -23.53 -28.43 2.87
C GLY B 146 -24.65 -27.44 3.06
N THR B 147 -25.43 -27.16 1.98
CA THR B 147 -26.54 -26.19 2.02
C THR B 147 -26.16 -24.86 2.71
N GLY B 148 -25.04 -24.33 2.24
CA GLY B 148 -24.53 -23.05 2.71
C GLY B 148 -23.23 -23.13 3.44
N ALA B 149 -22.95 -24.26 4.14
CA ALA B 149 -21.70 -24.40 4.88
C ALA B 149 -20.74 -25.22 3.99
N LEU B 150 -19.75 -24.54 3.38
CA LEU B 150 -18.86 -25.22 2.44
C LEU B 150 -17.80 -25.89 3.27
N ASP B 151 -18.00 -27.18 3.58
CA ASP B 151 -17.15 -27.85 4.52
C ASP B 151 -15.91 -28.53 3.99
N LEU B 152 -15.68 -28.51 2.66
CA LEU B 152 -14.51 -29.12 2.09
C LEU B 152 -14.23 -28.35 0.79
N TRP B 153 -13.00 -27.86 0.63
CA TRP B 153 -12.62 -27.07 -0.54
C TRP B 153 -11.46 -27.73 -1.27
N GLY B 154 -11.44 -27.57 -2.59
CA GLY B 154 -10.30 -27.97 -3.40
C GLY B 154 -9.17 -26.95 -3.18
N ARG B 155 -7.98 -27.24 -3.69
CA ARG B 155 -6.81 -26.36 -3.58
C ARG B 155 -6.90 -25.01 -4.37
N GLY B 156 -7.73 -25.00 -5.38
CA GLY B 156 -7.93 -23.80 -6.19
C GLY B 156 -7.06 -23.85 -7.41
N THR B 157 -7.56 -23.30 -8.52
CA THR B 157 -6.79 -23.20 -9.76
C THR B 157 -6.87 -21.76 -10.23
N LEU B 158 -5.70 -21.12 -10.50
CA LEU B 158 -5.71 -19.77 -11.03
C LEU B 158 -6.03 -19.85 -12.54
N VAL B 159 -6.99 -19.08 -12.99
CA VAL B 159 -7.28 -19.00 -14.42
C VAL B 159 -7.04 -17.55 -14.82
N THR B 160 -6.17 -17.33 -15.80
CA THR B 160 -5.87 -15.98 -16.29
C THR B 160 -6.55 -15.81 -17.65
N VAL B 161 -7.27 -14.73 -17.81
CA VAL B 161 -7.94 -14.39 -19.08
C VAL B 161 -7.03 -13.40 -19.80
N SER B 162 -6.45 -13.82 -20.91
CA SER B 162 -5.47 -13.01 -21.62
C SER B 162 -5.37 -13.48 -23.07
N SER B 163 -5.01 -12.57 -23.97
CA SER B 163 -4.78 -12.95 -25.36
C SER B 163 -3.29 -13.40 -25.56
N ALA B 164 -2.42 -13.20 -24.55
CA ALA B 164 -1.01 -13.54 -24.68
C ALA B 164 -0.84 -15.07 -24.61
N SER B 165 0.26 -15.57 -25.20
CA SER B 165 0.49 -17.01 -25.27
C SER B 165 1.22 -17.51 -24.04
N THR B 166 1.09 -18.82 -23.78
CA THR B 166 1.85 -19.42 -22.69
C THR B 166 3.36 -19.38 -23.00
N LYS B 167 4.20 -19.23 -21.97
CA LYS B 167 5.64 -19.26 -22.10
C LYS B 167 6.21 -19.94 -20.87
N GLY B 168 6.99 -20.98 -21.09
CA GLY B 168 7.63 -21.68 -19.99
C GLY B 168 8.83 -20.91 -19.47
N PRO B 169 9.21 -21.20 -18.21
CA PRO B 169 10.30 -20.45 -17.60
C PRO B 169 11.71 -20.89 -17.97
N SER B 170 12.64 -19.96 -17.82
CA SER B 170 14.07 -20.24 -17.86
C SER B 170 14.47 -20.35 -16.42
N VAL B 171 15.30 -21.33 -16.06
CA VAL B 171 15.69 -21.52 -14.67
C VAL B 171 17.19 -21.38 -14.51
N PHE B 172 17.64 -20.45 -13.65
CA PHE B 172 19.07 -20.20 -13.48
C PHE B 172 19.46 -20.43 -12.05
N PRO B 173 20.70 -20.85 -11.80
CA PRO B 173 21.12 -21.06 -10.39
C PRO B 173 21.44 -19.78 -9.66
N LEU B 174 21.17 -19.75 -8.35
CA LEU B 174 21.62 -18.70 -7.44
C LEU B 174 22.67 -19.51 -6.62
N ALA B 175 23.91 -19.51 -7.11
CA ALA B 175 24.97 -20.35 -6.54
C ALA B 175 25.40 -19.92 -5.14
N PRO B 176 25.71 -20.88 -4.24
CA PRO B 176 26.13 -20.49 -2.88
C PRO B 176 27.47 -19.75 -2.95
N SER B 177 27.61 -18.68 -2.19
CA SER B 177 28.82 -17.86 -2.19
C SER B 177 30.06 -18.66 -1.77
N SER B 178 31.21 -18.42 -2.44
CA SER B 178 32.48 -19.07 -2.06
C SER B 178 32.95 -18.59 -0.64
N LYS B 179 32.40 -17.47 -0.15
CA LYS B 179 32.70 -16.91 1.15
C LYS B 179 31.70 -17.35 2.24
N SER B 180 30.89 -18.41 1.98
CA SER B 180 29.93 -18.97 2.94
C SER B 180 30.65 -19.34 4.23
N THR B 181 30.13 -18.89 5.38
CA THR B 181 30.76 -19.09 6.68
C THR B 181 31.11 -20.54 6.95
N SER B 182 32.39 -20.82 7.20
CA SER B 182 32.90 -22.16 7.48
C SER B 182 32.19 -22.72 8.72
N GLY B 183 31.57 -23.90 8.57
CA GLY B 183 30.82 -24.51 9.65
C GLY B 183 29.50 -23.81 10.00
N GLY B 184 29.09 -22.85 9.17
CA GLY B 184 27.87 -22.09 9.40
C GLY B 184 26.76 -22.39 8.41
N THR B 185 26.05 -21.35 7.98
CA THR B 185 24.91 -21.46 7.09
C THR B 185 25.16 -20.75 5.77
N ALA B 186 24.79 -21.40 4.66
CA ALA B 186 24.91 -20.86 3.31
C ALA B 186 23.52 -20.72 2.70
N ALA B 187 23.37 -19.81 1.74
CA ALA B 187 22.09 -19.68 1.02
C ALA B 187 22.33 -19.97 -0.45
N LEU B 188 21.37 -20.65 -1.08
CA LEU B 188 21.45 -20.93 -2.52
C LEU B 188 20.00 -20.93 -3.04
N GLY B 189 19.82 -20.97 -4.35
CA GLY B 189 18.49 -20.91 -4.89
C GLY B 189 18.41 -21.08 -6.36
N CYS B 190 17.23 -20.76 -6.89
CA CYS B 190 16.95 -20.79 -8.31
C CYS B 190 16.18 -19.54 -8.69
N LEU B 191 16.51 -18.95 -9.82
CA LEU B 191 15.78 -17.80 -10.35
C LEU B 191 14.96 -18.37 -11.51
N VAL B 192 13.64 -18.20 -11.46
CA VAL B 192 12.69 -18.74 -12.42
C VAL B 192 12.17 -17.54 -13.17
N LYS B 193 12.66 -17.35 -14.41
CA LYS B 193 12.42 -16.11 -15.15
C LYS B 193 11.60 -16.30 -16.42
N ASP B 194 10.78 -15.29 -16.71
CA ASP B 194 10.12 -15.11 -18.00
C ASP B 194 9.09 -16.18 -18.37
N TYR B 195 8.10 -16.33 -17.50
CA TYR B 195 7.05 -17.29 -17.79
C TYR B 195 5.68 -16.61 -17.80
N PHE B 196 4.70 -17.27 -18.34
CA PHE B 196 3.32 -16.76 -18.40
C PHE B 196 2.38 -17.91 -18.74
N PRO B 197 1.17 -17.96 -18.15
CA PRO B 197 0.72 -17.14 -17.02
C PRO B 197 1.26 -17.75 -15.70
N GLU B 198 0.83 -17.22 -14.56
CA GLU B 198 1.16 -17.87 -13.29
C GLU B 198 0.25 -19.16 -13.19
N PRO B 199 0.59 -20.10 -12.29
CA PRO B 199 1.76 -20.10 -11.40
C PRO B 199 2.85 -21.05 -11.88
N VAL B 200 4.01 -20.95 -11.23
CA VAL B 200 5.00 -22.03 -11.26
C VAL B 200 4.96 -22.60 -9.83
N THR B 201 5.32 -23.87 -9.68
CA THR B 201 5.53 -24.47 -8.36
C THR B 201 6.99 -24.85 -8.30
N VAL B 202 7.60 -24.70 -7.13
CA VAL B 202 8.99 -25.04 -6.95
C VAL B 202 9.12 -25.93 -5.73
N SER B 203 9.84 -27.00 -5.90
CA SER B 203 10.22 -27.82 -4.75
C SER B 203 11.73 -27.99 -4.79
N TRP B 204 12.28 -28.51 -3.70
CA TRP B 204 13.71 -28.80 -3.64
C TRP B 204 13.89 -30.26 -3.34
N ASN B 205 14.75 -30.92 -4.14
CA ASN B 205 15.01 -32.38 -3.94
C ASN B 205 13.75 -33.20 -3.88
N SER B 206 12.79 -32.87 -4.77
CA SER B 206 11.51 -33.56 -4.89
C SER B 206 10.73 -33.60 -3.59
N GLY B 207 10.93 -32.59 -2.74
CA GLY B 207 10.24 -32.50 -1.47
C GLY B 207 11.07 -32.96 -0.29
N ALA B 208 12.29 -33.47 -0.52
CA ALA B 208 13.13 -33.91 0.63
C ALA B 208 13.64 -32.68 1.39
N LEU B 209 13.74 -31.51 0.72
CA LEU B 209 14.24 -30.31 1.38
C LEU B 209 13.09 -29.27 1.48
N THR B 210 12.57 -29.06 2.71
CA THR B 210 11.48 -28.10 2.91
C THR B 210 11.82 -27.07 3.96
N SER B 211 12.59 -27.45 4.99
CA SER B 211 12.94 -26.49 6.04
C SER B 211 13.89 -25.43 5.47
N GLY B 212 13.59 -24.19 5.78
CA GLY B 212 14.41 -23.08 5.32
C GLY B 212 14.16 -22.64 3.89
N VAL B 213 13.20 -23.26 3.18
CA VAL B 213 12.90 -22.84 1.82
C VAL B 213 12.00 -21.62 1.83
N HIS B 214 12.29 -20.66 0.93
CA HIS B 214 11.40 -19.54 0.76
C HIS B 214 11.20 -19.40 -0.74
N THR B 215 9.97 -19.54 -1.22
CA THR B 215 9.66 -19.33 -2.65
C THR B 215 8.86 -18.04 -2.66
N PHE B 216 9.43 -17.01 -3.29
CA PHE B 216 8.82 -15.69 -3.27
C PHE B 216 7.62 -15.56 -4.18
N PRO B 217 6.72 -14.61 -3.88
CA PRO B 217 5.65 -14.30 -4.84
C PRO B 217 6.27 -13.80 -6.16
N ALA B 218 5.64 -14.17 -7.28
CA ALA B 218 6.12 -13.73 -8.58
C ALA B 218 5.92 -12.22 -8.74
N VAL B 219 6.79 -11.62 -9.55
CA VAL B 219 6.65 -10.22 -9.91
C VAL B 219 6.41 -10.17 -11.40
N LEU B 220 5.48 -9.29 -11.79
CA LEU B 220 5.19 -9.09 -13.19
C LEU B 220 6.20 -8.08 -13.73
N GLN B 221 6.96 -8.48 -14.72
CA GLN B 221 7.95 -7.60 -15.35
C GLN B 221 7.29 -6.71 -16.43
N SER B 222 7.98 -5.64 -16.86
CA SER B 222 7.43 -4.76 -17.90
C SER B 222 7.19 -5.48 -19.24
N SER B 223 7.89 -6.61 -19.46
CA SER B 223 7.69 -7.43 -20.66
C SER B 223 6.32 -8.15 -20.66
N GLY B 224 5.61 -8.19 -19.52
CA GLY B 224 4.36 -8.94 -19.41
C GLY B 224 4.60 -10.37 -18.94
N LEU B 225 5.88 -10.73 -18.64
CA LEU B 225 6.24 -12.09 -18.15
C LEU B 225 6.55 -12.03 -16.65
N TYR B 226 6.35 -13.15 -15.97
CA TYR B 226 6.59 -13.21 -14.54
C TYR B 226 7.99 -13.72 -14.24
N SER B 227 8.45 -13.45 -13.02
N SER B 227 8.47 -13.41 -13.03
CA SER B 227 9.70 -13.97 -12.52
CA SER B 227 9.75 -13.90 -12.54
C SER B 227 9.59 -14.16 -11.02
C SER B 227 9.66 -14.10 -11.02
N LEU B 228 10.30 -15.16 -10.49
CA LEU B 228 10.39 -15.36 -9.05
C LEU B 228 11.69 -16.05 -8.71
N SER B 229 12.09 -15.98 -7.44
N SER B 229 12.07 -16.01 -7.44
CA SER B 229 13.23 -16.75 -6.97
CA SER B 229 13.20 -16.77 -6.96
C SER B 229 12.77 -17.67 -5.85
C SER B 229 12.73 -17.70 -5.87
N SER B 230 13.44 -18.81 -5.69
CA SER B 230 13.17 -19.73 -4.59
C SER B 230 14.56 -19.93 -3.98
N VAL B 231 14.67 -19.75 -2.68
CA VAL B 231 15.95 -19.90 -1.99
C VAL B 231 15.82 -20.86 -0.80
N VAL B 232 16.96 -21.35 -0.34
CA VAL B 232 17.00 -22.22 0.82
C VAL B 232 18.32 -22.00 1.54
N THR B 233 18.31 -22.09 2.86
CA THR B 233 19.55 -22.00 3.63
C THR B 233 19.89 -23.42 4.08
N VAL B 234 21.16 -23.77 3.93
CA VAL B 234 21.68 -25.10 4.24
C VAL B 234 23.04 -24.98 4.94
N PRO B 235 23.54 -26.06 5.56
CA PRO B 235 24.87 -25.98 6.19
C PRO B 235 25.96 -25.73 5.14
N SER B 236 26.89 -24.81 5.38
CA SER B 236 28.01 -24.54 4.46
C SER B 236 28.84 -25.81 4.22
N SER B 237 29.02 -26.63 5.28
CA SER B 237 29.79 -27.87 5.15
C SER B 237 29.10 -28.91 4.25
N SER B 238 27.80 -28.75 3.96
CA SER B 238 27.07 -29.68 3.07
C SER B 238 27.35 -29.36 1.57
N LEU B 239 27.91 -28.17 1.25
CA LEU B 239 28.16 -27.79 -0.14
C LEU B 239 29.32 -28.69 -0.61
N GLY B 240 29.25 -29.19 -1.82
CA GLY B 240 30.33 -30.08 -2.30
C GLY B 240 30.11 -31.55 -2.01
N THR B 241 29.14 -31.87 -1.12
CA THR B 241 28.80 -33.27 -0.86
C THR B 241 27.30 -33.53 -1.09
N GLN B 242 26.42 -32.66 -0.59
CA GLN B 242 24.98 -32.85 -0.77
C GLN B 242 24.50 -32.24 -2.09
N THR B 243 23.68 -32.99 -2.84
CA THR B 243 23.16 -32.42 -4.07
C THR B 243 21.90 -31.63 -3.74
N TYR B 244 21.77 -30.47 -4.39
CA TYR B 244 20.59 -29.62 -4.26
C TYR B 244 20.02 -29.39 -5.64
N ILE B 245 18.77 -29.78 -5.83
CA ILE B 245 18.06 -29.63 -7.11
C ILE B 245 16.76 -28.87 -6.90
N CYS B 246 16.52 -27.81 -7.70
CA CYS B 246 15.23 -27.15 -7.65
C CYS B 246 14.38 -27.72 -8.76
N ASN B 247 13.16 -28.10 -8.42
CA ASN B 247 12.22 -28.74 -9.36
C ASN B 247 11.16 -27.72 -9.66
N VAL B 248 11.12 -27.23 -10.91
CA VAL B 248 10.21 -26.16 -11.25
C VAL B 248 9.18 -26.71 -12.20
N ASN B 249 7.91 -26.58 -11.87
CA ASN B 249 6.84 -27.06 -12.72
C ASN B 249 6.01 -25.89 -13.17
N HIS B 250 5.71 -25.83 -14.48
CA HIS B 250 4.84 -24.78 -14.98
C HIS B 250 3.77 -25.49 -15.79
N LYS B 251 2.64 -25.82 -15.17
CA LYS B 251 1.59 -26.60 -15.83
C LYS B 251 1.08 -25.98 -17.14
N PRO B 252 0.86 -24.65 -17.23
CA PRO B 252 0.33 -24.09 -18.49
C PRO B 252 1.15 -24.40 -19.72
N SER B 253 2.50 -24.52 -19.57
CA SER B 253 3.34 -24.85 -20.71
C SER B 253 3.77 -26.32 -20.72
N ASN B 254 3.28 -27.13 -19.79
CA ASN B 254 3.65 -28.52 -19.63
C ASN B 254 5.16 -28.67 -19.47
N THR B 255 5.78 -27.75 -18.69
CA THR B 255 7.21 -27.81 -18.53
C THR B 255 7.61 -28.20 -17.12
N LYS B 256 8.65 -29.05 -17.04
CA LYS B 256 9.19 -29.47 -15.75
C LYS B 256 10.68 -29.34 -15.90
N VAL B 257 11.31 -28.50 -15.08
CA VAL B 257 12.75 -28.28 -15.14
C VAL B 257 13.38 -28.73 -13.81
N ASP B 258 14.51 -29.42 -13.82
CA ASP B 258 15.21 -29.82 -12.58
C ASP B 258 16.59 -29.24 -12.71
N LYS B 259 16.94 -28.20 -11.94
CA LYS B 259 18.24 -27.54 -12.02
C LYS B 259 19.11 -27.89 -10.80
N ARG B 260 20.29 -28.52 -11.03
CA ARG B 260 21.20 -28.76 -9.92
C ARG B 260 21.95 -27.47 -9.61
N VAL B 261 21.97 -27.05 -8.34
CA VAL B 261 22.63 -25.83 -7.94
C VAL B 261 23.87 -26.17 -7.16
N GLU B 262 25.02 -25.74 -7.68
CA GLU B 262 26.33 -26.05 -7.12
C GLU B 262 27.17 -24.80 -6.92
N PRO B 263 28.20 -24.83 -6.04
CA PRO B 263 29.15 -23.71 -5.95
C PRO B 263 29.79 -23.48 -7.34
N LYS B 264 29.96 -22.20 -7.74
CA LYS B 264 30.44 -21.78 -9.07
C LYS B 264 31.82 -22.34 -9.49
N SER B 265 32.86 -22.25 -8.62
CA SER B 265 34.22 -22.73 -8.90
C SER B 265 35.13 -21.69 -9.59
N ASP C 20 -29.98 -8.89 -2.98
CA ASP C 20 -29.14 -9.83 -2.23
C ASP C 20 -28.68 -9.24 -0.89
N ILE C 21 -28.13 -10.09 -0.01
CA ILE C 21 -27.62 -9.68 1.29
C ILE C 21 -26.15 -9.26 1.18
N VAL C 22 -25.80 -8.13 1.81
CA VAL C 22 -24.43 -7.67 1.82
C VAL C 22 -23.84 -7.93 3.21
N MET C 23 -22.68 -8.56 3.27
CA MET C 23 -21.95 -8.84 4.51
C MET C 23 -20.76 -7.88 4.56
N THR C 24 -20.61 -7.20 5.68
CA THR C 24 -19.52 -6.26 5.86
C THR C 24 -18.75 -6.61 7.11
N GLN C 25 -17.47 -6.94 6.95
CA GLN C 25 -16.54 -7.32 8.03
C GLN C 25 -15.71 -6.17 8.52
N SER C 26 -15.31 -6.23 9.78
CA SER C 26 -14.42 -5.24 10.33
C SER C 26 -13.57 -5.85 11.42
N PRO C 27 -12.30 -5.45 11.53
CA PRO C 27 -11.58 -4.51 10.64
C PRO C 27 -11.16 -5.22 9.32
N SER C 28 -10.56 -4.49 8.36
CA SER C 28 -10.07 -5.13 7.16
C SER C 28 -8.74 -5.85 7.42
N THR C 29 -7.96 -5.35 8.39
CA THR C 29 -6.70 -5.91 8.82
C THR C 29 -6.51 -5.66 10.30
N LEU C 30 -5.82 -6.57 10.98
CA LEU C 30 -5.45 -6.37 12.37
C LEU C 30 -4.13 -7.05 12.70
N SER C 31 -3.39 -6.48 13.65
CA SER C 31 -2.12 -7.04 14.10
C SER C 31 -2.29 -7.32 15.58
N ALA C 32 -1.86 -8.49 16.02
CA ALA C 32 -1.91 -8.81 17.45
C ALA C 32 -0.78 -9.76 17.80
N SER C 33 -0.39 -9.81 19.06
CA SER C 33 0.69 -10.67 19.54
C SER C 33 0.16 -12.06 19.88
N VAL C 34 1.05 -13.05 19.90
CA VAL C 34 0.73 -14.42 20.27
C VAL C 34 0.20 -14.43 21.70
N GLY C 35 -0.99 -14.97 21.88
CA GLY C 35 -1.67 -15.00 23.17
C GLY C 35 -2.77 -13.96 23.30
N ASP C 36 -2.85 -12.97 22.38
CA ASP C 36 -3.89 -11.95 22.48
C ASP C 36 -5.27 -12.50 22.08
N ARG C 37 -6.34 -11.86 22.58
CA ARG C 37 -7.70 -12.20 22.22
C ARG C 37 -8.02 -11.33 21.00
N VAL C 38 -8.41 -11.95 19.88
CA VAL C 38 -8.71 -11.21 18.66
C VAL C 38 -10.20 -11.32 18.32
N THR C 39 -10.84 -10.20 17.92
CA THR C 39 -12.25 -10.25 17.54
C THR C 39 -12.48 -9.64 16.17
N ILE C 40 -13.23 -10.36 15.33
CA ILE C 40 -13.58 -9.89 14.01
C ILE C 40 -15.10 -9.79 13.97
N THR C 41 -15.63 -8.68 13.44
CA THR C 41 -17.08 -8.53 13.35
C THR C 41 -17.56 -8.70 11.93
N CYS C 42 -18.81 -9.12 11.78
CA CYS C 42 -19.43 -9.29 10.48
C CYS C 42 -20.87 -8.75 10.65
N ARG C 43 -21.30 -7.87 9.75
CA ARG C 43 -22.62 -7.27 9.81
C ARG C 43 -23.41 -7.57 8.54
N ALA C 44 -24.64 -8.06 8.68
CA ALA C 44 -25.47 -8.36 7.52
C ALA C 44 -26.42 -7.20 7.23
N SER C 45 -26.66 -6.88 5.94
CA SER C 45 -27.55 -5.78 5.52
C SER C 45 -29.01 -5.98 5.98
N GLN C 46 -29.40 -7.23 6.22
CA GLN C 46 -30.71 -7.64 6.72
C GLN C 46 -30.52 -8.88 7.62
N SER C 47 -31.54 -9.23 8.42
CA SER C 47 -31.42 -10.39 9.30
C SER C 47 -31.17 -11.72 8.56
N ILE C 48 -30.20 -12.47 9.05
CA ILE C 48 -29.88 -13.79 8.52
C ILE C 48 -30.05 -14.88 9.61
N SER C 49 -30.74 -14.58 10.75
CA SER C 49 -30.94 -15.53 11.85
C SER C 49 -29.54 -16.04 12.33
N SER C 50 -29.27 -17.36 12.37
CA SER C 50 -27.92 -17.84 12.72
C SER C 50 -27.24 -18.53 11.51
N TRP C 51 -27.71 -18.26 10.28
CA TRP C 51 -27.16 -18.91 9.09
C TRP C 51 -25.88 -18.22 8.61
N LEU C 52 -24.82 -18.36 9.36
CA LEU C 52 -23.56 -17.69 9.07
C LEU C 52 -22.42 -18.66 9.27
N ALA C 53 -21.45 -18.65 8.37
CA ALA C 53 -20.24 -19.48 8.48
C ALA C 53 -18.99 -18.60 8.53
N TRP C 54 -17.94 -19.09 9.17
CA TRP C 54 -16.64 -18.42 9.22
C TRP C 54 -15.60 -19.39 8.58
N TYR C 55 -14.73 -18.85 7.71
CA TYR C 55 -13.70 -19.63 7.03
C TYR C 55 -12.33 -18.99 7.31
N GLN C 56 -11.29 -19.82 7.28
CA GLN C 56 -9.90 -19.37 7.45
C GLN C 56 -9.14 -19.75 6.20
N GLN C 57 -8.32 -18.82 5.69
CA GLN C 57 -7.53 -19.10 4.53
C GLN C 57 -6.09 -18.75 4.85
N ARG C 58 -5.31 -19.81 5.14
CA ARG C 58 -3.88 -19.68 5.48
C ARG C 58 -3.08 -19.60 4.20
N PRO C 59 -1.87 -19.01 4.23
CA PRO C 59 -1.12 -18.80 2.98
C PRO C 59 -0.97 -19.96 2.00
N GLY C 60 -1.28 -19.66 0.74
CA GLY C 60 -1.23 -20.62 -0.37
C GLY C 60 -2.24 -21.74 -0.29
N LYS C 61 -3.09 -21.73 0.76
CA LYS C 61 -4.09 -22.77 0.95
C LYS C 61 -5.48 -22.30 0.62
N ALA C 62 -6.34 -23.24 0.29
CA ALA C 62 -7.74 -22.98 0.06
C ALA C 62 -8.37 -22.81 1.41
N PRO C 63 -9.49 -22.09 1.41
CA PRO C 63 -10.20 -21.92 2.66
C PRO C 63 -10.60 -23.22 3.39
N ARG C 64 -10.78 -23.07 4.68
CA ARG C 64 -11.33 -24.15 5.47
C ARG C 64 -12.42 -23.62 6.39
N LEU C 65 -13.50 -24.40 6.54
CA LEU C 65 -14.60 -24.00 7.41
C LEU C 65 -14.17 -24.13 8.86
N LEU C 66 -14.42 -23.09 9.66
CA LEU C 66 -14.13 -23.14 11.09
C LEU C 66 -15.43 -23.31 11.84
N ILE C 67 -16.41 -22.43 11.52
CA ILE C 67 -17.66 -22.36 12.25
C ILE C 67 -18.86 -22.33 11.34
N TYR C 68 -19.93 -23.04 11.72
CA TYR C 68 -21.16 -22.99 10.95
C TYR C 68 -22.32 -22.71 11.92
N LYS C 69 -23.46 -22.31 11.40
CA LYS C 69 -24.65 -21.98 12.26
C LYS C 69 -24.32 -20.89 13.29
N ALA C 70 -23.45 -19.94 12.88
CA ALA C 70 -22.93 -18.78 13.66
C ALA C 70 -22.05 -19.15 14.86
N SER C 71 -22.30 -20.28 15.57
CA SER C 71 -21.54 -20.59 16.79
C SER C 71 -21.09 -22.07 16.92
N SER C 72 -21.33 -22.93 15.95
CA SER C 72 -20.94 -24.34 16.05
C SER C 72 -19.54 -24.57 15.53
N LEU C 73 -18.64 -25.05 16.39
CA LEU C 73 -17.25 -25.26 16.02
C LEU C 73 -17.11 -26.58 15.30
N LEU C 74 -16.62 -26.58 14.06
CA LEU C 74 -16.49 -27.83 13.29
C LEU C 74 -15.48 -28.76 13.96
N SER C 75 -15.73 -30.09 13.95
CA SER C 75 -14.81 -31.05 14.58
C SER C 75 -13.46 -31.01 13.91
N GLY C 76 -12.39 -31.04 14.70
CA GLY C 76 -11.05 -30.96 14.14
C GLY C 76 -10.49 -29.56 14.09
N VAL C 77 -11.31 -28.53 14.36
CA VAL C 77 -10.87 -27.14 14.37
C VAL C 77 -10.48 -26.76 15.81
N PRO C 78 -9.35 -26.05 15.98
CA PRO C 78 -8.91 -25.68 17.35
C PRO C 78 -9.98 -24.99 18.19
N SER C 79 -10.01 -25.30 19.49
CA SER C 79 -10.98 -24.76 20.43
C SER C 79 -10.86 -23.25 20.67
N ARG C 80 -9.73 -22.61 20.26
CA ARG C 80 -9.58 -21.18 20.43
C ARG C 80 -10.49 -20.35 19.50
N PHE C 81 -11.08 -20.99 18.47
CA PHE C 81 -12.00 -20.32 17.56
C PHE C 81 -13.42 -20.38 18.13
N GLY C 82 -14.11 -19.26 18.13
CA GLY C 82 -15.49 -19.23 18.60
C GLY C 82 -16.33 -18.23 17.85
N GLY C 83 -17.58 -18.56 17.64
CA GLY C 83 -18.49 -17.66 16.95
C GLY C 83 -19.67 -17.28 17.82
N SER C 84 -20.17 -16.06 17.66
CA SER C 84 -21.35 -15.62 18.42
C SER C 84 -22.18 -14.64 17.59
N GLY C 85 -23.41 -14.44 17.99
CA GLY C 85 -24.30 -13.51 17.33
C GLY C 85 -25.49 -14.13 16.66
N SER C 86 -26.43 -13.28 16.26
CA SER C 86 -27.66 -13.66 15.59
C SER C 86 -28.31 -12.43 14.95
N GLY C 87 -29.10 -12.64 13.92
CA GLY C 87 -29.78 -11.55 13.24
C GLY C 87 -28.87 -10.83 12.27
N THR C 88 -28.30 -9.69 12.67
CA THR C 88 -27.44 -8.91 11.78
C THR C 88 -26.00 -8.76 12.26
N ASP C 89 -25.70 -9.04 13.54
CA ASP C 89 -24.35 -8.82 14.07
C ASP C 89 -23.68 -10.06 14.60
N PHE C 90 -22.50 -10.38 14.04
CA PHE C 90 -21.78 -11.61 14.36
C PHE C 90 -20.33 -11.34 14.71
N THR C 91 -19.75 -12.19 15.55
CA THR C 91 -18.36 -12.02 15.93
C THR C 91 -17.62 -13.36 15.92
N LEU C 92 -16.39 -13.37 15.36
CA LEU C 92 -15.48 -14.50 15.42
C LEU C 92 -14.42 -14.07 16.43
N THR C 93 -14.18 -14.86 17.46
CA THR C 93 -13.14 -14.55 18.43
C THR C 93 -12.11 -15.67 18.44
N ILE C 94 -10.83 -15.30 18.47
CA ILE C 94 -9.73 -16.24 18.62
C ILE C 94 -9.26 -15.89 20.03
N SER C 95 -9.52 -16.77 21.00
CA SER C 95 -9.24 -16.50 22.43
C SER C 95 -7.79 -16.38 22.79
N SER C 96 -6.91 -17.08 22.04
CA SER C 96 -5.48 -16.99 22.30
C SER C 96 -4.75 -17.13 20.98
N LEU C 97 -4.38 -16.01 20.34
CA LEU C 97 -3.75 -16.00 19.02
C LEU C 97 -2.46 -16.82 18.91
N GLN C 98 -2.34 -17.70 17.92
CA GLN C 98 -1.16 -18.53 17.72
C GLN C 98 -0.47 -18.17 16.38
N PRO C 99 0.84 -18.50 16.18
CA PRO C 99 1.50 -18.12 14.93
C PRO C 99 0.82 -18.62 13.67
N ASP C 100 0.25 -19.85 13.72
CA ASP C 100 -0.45 -20.41 12.56
C ASP C 100 -1.81 -19.77 12.29
N ASP C 101 -2.24 -18.82 13.13
CA ASP C 101 -3.50 -18.13 12.87
C ASP C 101 -3.34 -16.98 11.89
N PHE C 102 -2.09 -16.72 11.38
CA PHE C 102 -1.82 -15.74 10.34
C PHE C 102 -2.62 -16.23 9.13
N ALA C 103 -3.64 -15.47 8.75
CA ALA C 103 -4.56 -15.94 7.70
C ALA C 103 -5.55 -14.80 7.37
N THR C 104 -6.36 -15.00 6.32
CA THR C 104 -7.50 -14.14 6.03
C THR C 104 -8.74 -14.93 6.49
N TYR C 105 -9.62 -14.28 7.25
CA TYR C 105 -10.87 -14.84 7.80
C TYR C 105 -12.02 -14.24 7.04
N HIS C 106 -12.97 -15.10 6.63
CA HIS C 106 -14.09 -14.66 5.84
C HIS C 106 -15.39 -15.10 6.49
N CYS C 107 -16.39 -14.21 6.56
CA CYS C 107 -17.73 -14.60 7.00
C CYS C 107 -18.58 -14.84 5.74
N GLN C 108 -19.65 -15.62 5.87
CA GLN C 108 -20.54 -15.89 4.73
C GLN C 108 -21.93 -16.20 5.25
N HIS C 109 -22.98 -15.57 4.73
CA HIS C 109 -24.34 -15.96 5.17
C HIS C 109 -24.81 -17.09 4.28
N TYR C 110 -25.80 -17.84 4.79
CA TYR C 110 -26.49 -18.82 3.96
C TYR C 110 -27.97 -18.84 4.34
N ASN C 111 -28.52 -17.66 4.53
CA ASN C 111 -29.90 -17.52 4.92
C ASN C 111 -30.81 -17.87 3.75
N THR C 112 -30.46 -17.39 2.55
CA THR C 112 -31.17 -17.57 1.31
C THR C 112 -30.13 -17.45 0.18
N TYR C 113 -30.43 -18.04 -0.98
CA TYR C 113 -29.52 -17.86 -2.12
C TYR C 113 -29.64 -16.38 -2.59
N PRO C 114 -28.56 -15.80 -3.11
CA PRO C 114 -27.23 -16.40 -3.25
C PRO C 114 -26.43 -16.32 -1.96
N TRP C 115 -25.53 -17.31 -1.75
CA TRP C 115 -24.58 -17.22 -0.65
C TRP C 115 -23.61 -16.06 -0.97
N THR C 116 -23.35 -15.20 0.01
CA THR C 116 -22.41 -14.08 -0.20
C THR C 116 -21.46 -14.02 0.98
N PHE C 117 -20.22 -13.52 0.72
CA PHE C 117 -19.17 -13.44 1.70
C PHE C 117 -18.85 -11.99 2.06
N GLY C 118 -18.27 -11.82 3.24
CA GLY C 118 -17.71 -10.53 3.63
C GLY C 118 -16.42 -10.35 2.83
N GLN C 119 -15.81 -9.16 2.94
CA GLN C 119 -14.61 -8.88 2.15
C GLN C 119 -13.31 -9.53 2.69
N GLY C 120 -13.35 -10.08 3.90
CA GLY C 120 -12.20 -10.72 4.51
C GLY C 120 -11.45 -9.83 5.49
N THR C 121 -10.81 -10.45 6.49
CA THR C 121 -10.01 -9.76 7.49
C THR C 121 -8.69 -10.44 7.59
N LYS C 122 -7.60 -9.71 7.36
CA LYS C 122 -6.25 -10.25 7.47
C LYS C 122 -5.76 -10.11 8.92
N VAL C 123 -5.31 -11.21 9.51
CA VAL C 123 -4.77 -11.21 10.86
C VAL C 123 -3.25 -11.40 10.73
N GLU C 124 -2.51 -10.42 11.22
CA GLU C 124 -1.05 -10.38 11.19
C GLU C 124 -0.54 -10.56 12.63
N ILE C 125 0.65 -11.15 12.76
CA ILE C 125 1.21 -11.43 14.07
C ILE C 125 2.31 -10.42 14.42
N LYS C 126 2.30 -9.91 15.66
CA LYS C 126 3.35 -9.05 16.16
C LYS C 126 4.30 -9.92 16.96
N ARG C 127 5.59 -9.68 16.85
CA ARG C 127 6.60 -10.45 17.58
C ARG C 127 7.82 -9.56 17.84
N THR C 128 8.87 -10.12 18.47
CA THR C 128 10.09 -9.36 18.75
C THR C 128 10.84 -9.04 17.44
N VAL C 129 11.67 -8.03 17.50
CA VAL C 129 12.49 -7.63 16.36
C VAL C 129 13.51 -8.74 16.06
N ALA C 130 13.67 -9.06 14.77
CA ALA C 130 14.65 -10.06 14.35
C ALA C 130 15.35 -9.47 13.13
N ALA C 131 16.68 -9.38 13.19
CA ALA C 131 17.47 -8.82 12.11
C ALA C 131 17.56 -9.81 10.95
N PRO C 132 17.58 -9.32 9.71
CA PRO C 132 17.75 -10.25 8.57
C PRO C 132 19.17 -10.73 8.40
N SER C 133 19.33 -11.93 7.85
CA SER C 133 20.62 -12.44 7.37
C SER C 133 20.58 -12.03 5.88
N VAL C 134 21.67 -11.48 5.39
CA VAL C 134 21.72 -10.94 4.03
C VAL C 134 22.64 -11.72 3.15
N PHE C 135 22.21 -11.97 1.89
CA PHE C 135 23.02 -12.71 0.93
C PHE C 135 22.88 -12.06 -0.44
N ILE C 136 23.99 -12.00 -1.21
CA ILE C 136 23.91 -11.46 -2.55
C ILE C 136 24.30 -12.55 -3.53
N PHE C 137 23.69 -12.52 -4.74
CA PHE C 137 23.98 -13.50 -5.77
C PHE C 137 24.24 -12.85 -7.08
N PRO C 138 25.40 -13.11 -7.69
CA PRO C 138 25.66 -12.59 -9.03
C PRO C 138 24.80 -13.28 -10.07
N PRO C 139 24.68 -12.71 -11.28
CA PRO C 139 24.00 -13.44 -12.36
C PRO C 139 24.83 -14.68 -12.76
N SER C 140 24.13 -15.73 -13.15
CA SER C 140 24.78 -16.94 -13.62
C SER C 140 25.35 -16.72 -15.02
N ASP C 141 26.43 -17.47 -15.36
CA ASP C 141 26.99 -17.41 -16.70
C ASP C 141 25.94 -17.83 -17.74
N GLU C 142 25.06 -18.79 -17.40
CA GLU C 142 24.02 -19.21 -18.32
C GLU C 142 23.07 -18.09 -18.68
N GLN C 143 22.64 -17.30 -17.68
CA GLN C 143 21.77 -16.17 -17.98
C GLN C 143 22.49 -15.11 -18.85
N LEU C 144 23.75 -14.80 -18.51
CA LEU C 144 24.51 -13.78 -19.24
C LEU C 144 24.55 -14.02 -20.76
N LYS C 145 24.46 -15.26 -21.21
CA LYS C 145 24.47 -15.63 -22.63
C LYS C 145 23.34 -15.00 -23.42
N SER C 146 22.17 -14.80 -22.78
CA SER C 146 21.02 -14.32 -23.53
C SER C 146 20.73 -12.82 -23.40
N GLY C 147 21.66 -12.06 -22.85
CA GLY C 147 21.54 -10.60 -22.90
C GLY C 147 21.10 -9.81 -21.70
N THR C 148 20.68 -10.50 -20.63
CA THR C 148 20.24 -9.82 -19.43
C THR C 148 20.99 -10.40 -18.21
N ALA C 149 21.18 -9.56 -17.21
CA ALA C 149 21.82 -9.96 -15.97
C ALA C 149 20.86 -9.65 -14.82
N SER C 150 20.57 -10.63 -13.97
CA SER C 150 19.76 -10.44 -12.79
C SER C 150 20.67 -10.62 -11.61
N VAL C 151 20.70 -9.62 -10.71
CA VAL C 151 21.50 -9.69 -9.47
C VAL C 151 20.49 -9.77 -8.34
N VAL C 152 20.65 -10.74 -7.42
CA VAL C 152 19.66 -10.95 -6.38
C VAL C 152 20.18 -10.70 -5.00
N CYS C 153 19.40 -10.01 -4.17
CA CYS C 153 19.76 -9.77 -2.77
C CYS C 153 18.65 -10.37 -1.93
N LEU C 154 19.04 -11.25 -1.00
CA LEU C 154 18.12 -11.93 -0.12
C LEU C 154 18.20 -11.40 1.30
N LEU C 155 17.05 -11.11 1.90
CA LEU C 155 16.97 -10.71 3.32
C LEU C 155 16.15 -11.84 3.96
N ASN C 156 16.80 -12.62 4.81
CA ASN C 156 16.17 -13.82 5.36
C ASN C 156 15.75 -13.70 6.81
N ASN C 157 14.50 -14.08 7.08
CA ASN C 157 13.92 -14.24 8.42
C ASN C 157 14.02 -13.03 9.32
N PHE C 158 13.35 -11.94 8.93
CA PHE C 158 13.41 -10.72 9.73
C PHE C 158 12.01 -10.26 10.19
N TYR C 159 11.98 -9.34 11.18
CA TYR C 159 10.75 -8.75 11.69
C TYR C 159 11.12 -7.42 12.33
N PRO C 160 10.38 -6.30 12.11
CA PRO C 160 9.15 -6.16 11.30
C PRO C 160 9.41 -6.10 9.80
N ARG C 161 8.35 -5.99 9.00
CA ARG C 161 8.43 -5.99 7.54
C ARG C 161 9.27 -4.86 6.97
N GLU C 162 9.17 -3.65 7.54
CA GLU C 162 9.87 -2.50 7.02
C GLU C 162 11.38 -2.73 6.92
N ALA C 163 11.90 -2.62 5.70
CA ALA C 163 13.32 -2.80 5.45
C ALA C 163 13.69 -1.98 4.23
N LYS C 164 14.86 -1.38 4.26
CA LYS C 164 15.34 -0.61 3.12
C LYS C 164 16.49 -1.37 2.46
N VAL C 165 16.36 -1.62 1.15
CA VAL C 165 17.38 -2.30 0.35
C VAL C 165 17.83 -1.32 -0.71
N GLN C 166 19.10 -1.02 -0.74
CA GLN C 166 19.65 -0.09 -1.70
C GLN C 166 20.71 -0.75 -2.54
N TRP C 167 20.53 -0.76 -3.85
CA TRP C 167 21.54 -1.30 -4.75
C TRP C 167 22.57 -0.23 -5.09
N LYS C 168 23.84 -0.62 -5.15
CA LYS C 168 24.94 0.26 -5.55
C LYS C 168 25.77 -0.48 -6.58
N VAL C 169 26.09 0.19 -7.68
CA VAL C 169 26.89 -0.39 -8.73
C VAL C 169 28.07 0.57 -8.87
N ASP C 170 29.29 0.10 -8.54
CA ASP C 170 30.49 0.97 -8.48
C ASP C 170 30.25 2.23 -7.60
N ASN C 171 29.54 2.01 -6.49
CA ASN C 171 29.13 3.00 -5.48
C ASN C 171 28.08 4.01 -5.94
N ALA C 172 27.52 3.84 -7.15
CA ALA C 172 26.46 4.73 -7.62
C ALA C 172 25.14 4.10 -7.20
N LEU C 173 24.32 4.86 -6.50
CA LEU C 173 23.02 4.37 -6.04
C LEU C 173 22.12 4.16 -7.22
N GLN C 174 21.41 3.03 -7.19
CA GLN C 174 20.48 2.70 -8.26
C GLN C 174 19.06 3.05 -7.90
N SER C 175 18.20 3.20 -8.94
CA SER C 175 16.78 3.39 -8.77
C SER C 175 16.02 3.04 -10.06
N GLY C 176 14.84 2.45 -9.91
CA GLY C 176 13.96 2.12 -11.04
C GLY C 176 14.30 0.86 -11.80
N ASN C 177 15.39 0.18 -11.44
CA ASN C 177 15.83 -1.02 -12.14
C ASN C 177 15.82 -2.26 -11.25
N SER C 178 15.06 -2.23 -10.17
CA SER C 178 14.92 -3.37 -9.29
C SER C 178 13.45 -3.60 -8.89
N GLN C 179 13.15 -4.81 -8.50
CA GLN C 179 11.82 -5.24 -8.05
C GLN C 179 12.01 -6.06 -6.79
N GLU C 180 11.13 -5.86 -5.81
CA GLU C 180 11.20 -6.59 -4.53
C GLU C 180 9.99 -7.49 -4.44
N SER C 181 10.15 -8.57 -3.69
CA SER C 181 9.08 -9.50 -3.41
C SER C 181 9.24 -9.94 -1.96
N VAL C 182 8.14 -10.06 -1.21
CA VAL C 182 8.20 -10.43 0.21
C VAL C 182 7.30 -11.63 0.49
N THR C 183 7.78 -12.58 1.31
CA THR C 183 6.96 -13.74 1.64
C THR C 183 5.88 -13.32 2.66
N GLU C 184 4.85 -14.19 2.84
CA GLU C 184 3.87 -13.95 3.89
C GLU C 184 4.57 -14.29 5.20
N GLN C 185 4.07 -13.79 6.36
CA GLN C 185 4.65 -14.15 7.66
C GLN C 185 4.74 -15.68 7.82
N ASP C 186 5.88 -16.16 8.26
CA ASP C 186 6.11 -17.59 8.46
C ASP C 186 5.12 -18.15 9.51
N SER C 187 4.52 -19.28 9.20
CA SER C 187 3.52 -19.91 10.06
C SER C 187 4.05 -20.33 11.41
N LYS C 188 5.38 -20.47 11.59
CA LYS C 188 5.96 -20.90 12.86
C LYS C 188 6.70 -19.79 13.62
N ASP C 189 7.58 -19.02 12.95
CA ASP C 189 8.34 -17.98 13.64
C ASP C 189 7.88 -16.55 13.33
N SER C 190 6.82 -16.38 12.49
CA SER C 190 6.22 -15.09 12.18
C SER C 190 7.16 -14.05 11.55
N THR C 191 8.25 -14.49 10.94
CA THR C 191 9.17 -13.58 10.26
C THR C 191 8.80 -13.45 8.77
N TYR C 192 9.43 -12.50 8.09
CA TYR C 192 9.32 -12.32 6.65
C TYR C 192 10.68 -12.59 6.04
N SER C 193 10.67 -12.87 4.73
CA SER C 193 11.90 -12.87 3.93
C SER C 193 11.61 -12.00 2.70
N LEU C 194 12.67 -11.45 2.11
CA LEU C 194 12.50 -10.53 0.98
C LEU C 194 13.58 -10.76 -0.07
N SER C 195 13.23 -10.71 -1.35
CA SER C 195 14.23 -10.76 -2.40
C SER C 195 14.17 -9.42 -3.14
N SER C 196 15.29 -8.90 -3.54
CA SER C 196 15.32 -7.72 -4.38
C SER C 196 16.14 -8.13 -5.60
N THR C 197 15.61 -7.96 -6.81
CA THR C 197 16.32 -8.35 -8.02
C THR C 197 16.64 -7.10 -8.80
N LEU C 198 17.90 -6.87 -9.08
CA LEU C 198 18.37 -5.74 -9.88
C LEU C 198 18.55 -6.29 -11.30
N THR C 199 17.89 -5.69 -12.33
CA THR C 199 17.99 -6.21 -13.68
C THR C 199 18.68 -5.24 -14.58
N LEU C 200 19.76 -5.68 -15.19
CA LEU C 200 20.54 -4.86 -16.09
C LEU C 200 20.70 -5.57 -17.41
N SER C 201 21.02 -4.83 -18.48
CA SER C 201 21.39 -5.47 -19.74
C SER C 201 22.79 -6.09 -19.48
N LYS C 202 23.20 -7.11 -20.25
CA LYS C 202 24.53 -7.69 -20.09
C LYS C 202 25.61 -6.63 -20.37
N ALA C 203 25.39 -5.76 -21.39
CA ALA C 203 26.35 -4.69 -21.70
C ALA C 203 26.53 -3.76 -20.49
N ASP C 204 25.42 -3.37 -19.80
CA ASP C 204 25.55 -2.53 -18.60
C ASP C 204 26.23 -3.28 -17.48
N TYR C 205 25.86 -4.56 -17.26
CA TYR C 205 26.50 -5.37 -16.25
C TYR C 205 28.03 -5.48 -16.44
N GLU C 206 28.48 -5.73 -17.68
CA GLU C 206 29.91 -5.88 -17.96
C GLU C 206 30.71 -4.57 -17.85
N LYS C 207 30.04 -3.42 -17.81
CA LYS C 207 30.72 -2.11 -17.71
C LYS C 207 31.16 -1.76 -16.28
N HIS C 208 30.64 -2.47 -15.27
CA HIS C 208 30.92 -2.16 -13.88
C HIS C 208 31.56 -3.32 -13.14
N LYS C 209 32.18 -3.05 -12.01
CA LYS C 209 32.86 -4.08 -11.24
C LYS C 209 32.18 -4.43 -9.92
N VAL C 210 31.93 -3.45 -9.03
CA VAL C 210 31.41 -3.75 -7.70
C VAL C 210 29.89 -3.69 -7.63
N TYR C 211 29.26 -4.79 -7.23
CA TYR C 211 27.81 -4.85 -7.08
C TYR C 211 27.51 -5.05 -5.61
N ALA C 212 26.67 -4.18 -5.03
CA ALA C 212 26.41 -4.28 -3.59
C ALA C 212 24.97 -4.02 -3.24
N CYS C 213 24.44 -4.72 -2.21
CA CYS C 213 23.13 -4.39 -1.69
C CYS C 213 23.31 -4.00 -0.23
N GLU C 214 22.79 -2.85 0.12
CA GLU C 214 22.91 -2.33 1.47
C GLU C 214 21.56 -2.38 2.12
N VAL C 215 21.49 -2.99 3.31
CA VAL C 215 20.26 -3.21 3.99
C VAL C 215 20.20 -2.46 5.30
N THR C 216 19.10 -1.73 5.51
CA THR C 216 18.82 -1.03 6.73
C THR C 216 17.56 -1.63 7.34
N HIS C 217 17.62 -2.00 8.63
CA HIS C 217 16.49 -2.63 9.30
C HIS C 217 16.61 -2.35 10.78
N GLN C 218 15.46 -2.24 11.47
CA GLN C 218 15.38 -1.95 12.91
C GLN C 218 16.24 -2.89 13.76
N GLY C 219 16.38 -4.13 13.33
CA GLY C 219 17.20 -5.11 14.03
C GLY C 219 18.69 -5.00 13.85
N LEU C 220 19.15 -4.13 12.91
CA LEU C 220 20.57 -3.93 12.62
C LEU C 220 21.08 -2.63 13.25
N SER C 221 22.17 -2.70 14.04
CA SER C 221 22.72 -1.52 14.70
C SER C 221 23.16 -0.45 13.68
N SER C 222 23.67 -0.89 12.54
CA SER C 222 24.08 -0.05 11.42
C SER C 222 23.80 -0.85 10.11
N PRO C 223 23.71 -0.20 8.93
CA PRO C 223 23.39 -0.95 7.70
C PRO C 223 24.39 -2.05 7.37
N VAL C 224 23.89 -3.15 6.78
CA VAL C 224 24.72 -4.29 6.39
C VAL C 224 24.85 -4.27 4.88
N THR C 225 26.07 -4.40 4.37
CA THR C 225 26.31 -4.41 2.94
C THR C 225 26.91 -5.74 2.54
N LYS C 226 26.31 -6.39 1.54
CA LYS C 226 26.88 -7.60 0.96
C LYS C 226 27.25 -7.24 -0.47
N SER C 227 28.43 -7.66 -0.93
CA SER C 227 28.90 -7.26 -2.25
C SER C 227 29.73 -8.32 -2.95
N PHE C 228 29.93 -8.14 -4.24
CA PHE C 228 30.81 -8.98 -5.03
C PHE C 228 31.44 -8.13 -6.13
N ASN C 229 32.60 -8.57 -6.64
CA ASN C 229 33.24 -7.94 -7.80
C ASN C 229 32.98 -8.86 -8.97
N ARG C 230 32.46 -8.33 -10.08
CA ARG C 230 32.15 -9.13 -11.28
C ARG C 230 33.38 -9.93 -11.76
N GLY C 231 33.24 -11.25 -11.83
CA GLY C 231 34.28 -12.18 -12.23
C GLY C 231 35.35 -12.48 -11.19
N GLU C 232 35.18 -11.98 -9.98
CA GLU C 232 36.16 -12.18 -8.92
C GLU C 232 35.69 -13.18 -7.88
N GLU D 178 2.87 47.33 28.58
CA GLU D 178 2.89 48.80 28.69
C GLU D 178 3.54 49.47 27.47
N PRO D 179 3.09 50.70 27.16
CA PRO D 179 3.67 51.42 26.03
C PRO D 179 5.14 51.77 26.24
N GLN D 180 5.60 52.04 27.48
CA GLN D 180 7.00 52.41 27.71
C GLN D 180 8.02 51.29 27.35
N ILE D 181 7.77 50.05 27.82
CA ILE D 181 8.69 48.96 27.45
C ILE D 181 8.60 48.63 25.93
N TYR D 182 7.45 48.88 25.32
CA TYR D 182 7.27 48.68 23.91
C TYR D 182 8.20 49.66 23.12
N ARG D 183 8.25 50.92 23.57
CA ARG D 183 9.08 51.93 22.92
C ARG D 183 10.55 51.61 23.13
N TRP D 184 10.93 51.18 24.34
CA TRP D 184 12.33 50.82 24.57
C TRP D 184 12.79 49.67 23.67
N ILE D 185 11.96 48.66 23.49
CA ILE D 185 12.29 47.54 22.64
C ILE D 185 12.39 48.00 21.19
N ARG D 186 11.44 48.81 20.74
CA ARG D 186 11.46 49.38 19.41
C ARG D 186 12.76 50.18 19.14
N GLU D 187 13.12 51.09 20.04
CA GLU D 187 14.35 51.89 19.94
C GLU D 187 15.62 51.04 19.98
N TRP D 188 15.65 50.05 20.85
CA TRP D 188 16.80 49.15 20.94
C TRP D 188 16.94 48.38 19.63
N GLY D 189 15.83 47.89 19.10
CA GLY D 189 15.82 47.11 17.87
C GLY D 189 16.38 47.89 16.72
N ARG D 190 15.93 49.14 16.59
CA ARG D 190 16.40 49.99 15.51
C ARG D 190 17.88 50.30 15.61
N ASP D 191 18.39 50.52 16.83
CA ASP D 191 19.79 50.85 17.05
C ASP D 191 20.61 49.57 16.74
N TYR D 192 20.11 48.39 17.15
CA TYR D 192 20.82 47.15 16.90
C TYR D 192 20.94 46.90 15.37
N VAL D 193 19.81 47.02 14.65
CA VAL D 193 19.88 46.69 13.20
C VAL D 193 20.75 47.71 12.45
N SER D 194 20.92 48.94 12.99
CA SER D 194 21.80 49.96 12.42
C SER D 194 23.30 49.69 12.75
N GLU D 195 23.56 49.22 13.97
CA GLU D 195 24.92 48.97 14.43
C GLU D 195 25.49 47.67 13.83
N LEU D 196 24.65 46.61 13.70
CA LEU D 196 25.13 45.29 13.27
C LEU D 196 25.98 45.35 11.99
N PRO D 197 25.52 45.95 10.87
CA PRO D 197 26.37 45.95 9.66
C PRO D 197 27.68 46.70 9.85
N THR D 198 27.65 47.77 10.66
CA THR D 198 28.91 48.50 10.95
C THR D 198 29.90 47.62 11.72
N GLU D 199 29.42 46.85 12.72
CA GLU D 199 30.29 45.97 13.48
C GLU D 199 30.79 44.79 12.65
N VAL D 200 29.93 44.24 11.79
CA VAL D 200 30.36 43.15 10.93
C VAL D 200 31.44 43.66 9.94
N GLN D 201 31.23 44.92 9.41
CA GLN D 201 32.19 45.44 8.45
C GLN D 201 33.56 45.65 9.12
N LYS D 202 33.60 46.04 10.41
CA LYS D 202 34.90 46.14 11.10
C LYS D 202 35.62 44.80 11.15
N LEU D 203 34.87 43.73 11.33
CA LEU D 203 35.41 42.38 11.36
C LEU D 203 35.88 41.99 9.97
N LYS D 204 35.09 42.25 8.91
CA LYS D 204 35.50 41.94 7.54
C LYS D 204 36.79 42.64 7.11
N GLU D 205 36.98 43.91 7.51
CA GLU D 205 38.20 44.64 7.12
C GLU D 205 39.45 43.97 7.59
N LYS D 206 39.40 43.35 8.79
CA LYS D 206 40.60 42.72 9.33
C LYS D 206 40.71 41.23 9.09
N CYS D 207 39.57 40.55 8.98
CA CYS D 207 39.52 39.07 8.95
C CYS D 207 39.19 38.42 7.61
N ASP D 208 38.71 39.15 6.59
CA ASP D 208 38.38 38.60 5.27
C ASP D 208 39.61 38.23 4.47
N GLY D 209 39.46 37.21 3.64
CA GLY D 209 40.48 36.76 2.72
C GLY D 209 39.86 35.97 1.59
N LYS D 210 40.70 35.56 0.61
CA LYS D 210 40.22 34.75 -0.49
C LYS D 210 39.88 33.34 0.01
N ILE D 211 38.86 32.70 -0.58
CA ILE D 211 38.50 31.35 -0.18
C ILE D 211 39.43 30.39 -0.91
N ASN D 212 40.61 30.10 -0.33
CA ASN D 212 41.66 29.21 -0.89
C ASN D 212 41.93 27.96 -0.02
N TYR D 213 41.17 27.81 1.06
CA TYR D 213 41.23 26.83 2.11
C TYR D 213 42.60 26.66 2.75
N THR D 214 43.29 27.80 2.87
CA THR D 214 44.43 27.93 3.76
C THR D 214 43.82 28.49 5.10
N ASP D 215 44.64 28.72 6.12
CA ASP D 215 44.13 29.20 7.40
C ASP D 215 43.32 30.47 7.29
N LYS D 216 42.22 30.56 8.05
CA LYS D 216 41.51 31.83 8.18
C LYS D 216 42.48 32.83 8.90
N LYS D 217 42.33 34.15 8.66
CA LYS D 217 43.22 35.12 9.30
C LYS D 217 43.15 35.05 10.82
N VAL D 218 42.01 34.64 11.39
CA VAL D 218 41.89 34.58 12.87
C VAL D 218 42.87 33.56 13.49
N CYS D 219 43.37 32.59 12.71
CA CYS D 219 44.29 31.61 13.26
C CYS D 219 45.59 32.23 13.80
N LYS D 220 46.16 33.23 13.11
CA LYS D 220 47.42 33.84 13.57
C LYS D 220 47.58 35.35 13.35
N VAL D 221 46.66 36.04 12.66
CA VAL D 221 46.85 37.47 12.36
C VAL D 221 46.37 38.34 13.52
N PRO D 222 47.26 39.00 14.30
CA PRO D 222 46.81 39.78 15.47
C PRO D 222 45.73 40.83 15.21
N PRO D 223 45.76 41.67 14.16
CA PRO D 223 44.66 42.62 13.98
C PRO D 223 43.31 41.91 13.77
N CYS D 224 43.29 40.71 13.18
CA CYS D 224 42.05 39.96 13.03
C CYS D 224 41.61 39.40 14.38
N GLN D 225 42.54 38.84 15.15
CA GLN D 225 42.22 38.31 16.48
C GLN D 225 41.64 39.42 17.38
N ASN D 226 42.23 40.64 17.29
CA ASN D 226 41.78 41.81 18.05
C ASN D 226 40.41 42.29 17.55
N ALA D 227 40.18 42.27 16.22
CA ALA D 227 38.86 42.62 15.68
C ALA D 227 37.78 41.65 16.19
N CYS D 228 38.10 40.34 16.25
CA CYS D 228 37.17 39.37 16.78
C CYS D 228 36.87 39.60 18.25
N LYS D 229 37.90 39.95 19.04
CA LYS D 229 37.70 40.23 20.46
C LYS D 229 36.77 41.46 20.61
N SER D 230 36.97 42.50 19.79
CA SER D 230 36.10 43.68 19.85
C SER D 230 34.65 43.38 19.44
N TYR D 231 34.46 42.55 18.40
CA TYR D 231 33.11 42.14 17.97
C TYR D 231 32.45 41.35 19.08
N ASP D 232 33.21 40.43 19.70
CA ASP D 232 32.71 39.61 20.80
C ASP D 232 32.26 40.51 21.97
N GLN D 233 33.01 41.57 22.28
CA GLN D 233 32.60 42.50 23.34
C GLN D 233 31.27 43.19 22.97
N TRP D 234 31.14 43.62 21.71
CA TRP D 234 29.93 44.30 21.25
C TRP D 234 28.71 43.35 21.30
N ILE D 235 28.80 42.14 20.70
CA ILE D 235 27.66 41.22 20.67
C ILE D 235 27.31 40.70 22.07
N THR D 236 28.32 40.56 22.94
CA THR D 236 28.05 40.15 24.33
C THR D 236 27.25 41.24 25.03
N ARG D 237 27.58 42.53 24.76
CA ARG D 237 26.85 43.64 25.37
C ARG D 237 25.42 43.64 24.83
N LYS D 238 25.27 43.41 23.50
CA LYS D 238 23.94 43.36 22.90
C LYS D 238 23.07 42.27 23.53
N LYS D 239 23.65 41.08 23.75
CA LYS D 239 22.90 39.99 24.34
C LYS D 239 22.52 40.34 25.78
N ASN D 240 23.42 40.96 26.54
CA ASN D 240 23.08 41.32 27.91
C ASN D 240 21.97 42.37 27.94
N GLN D 241 22.01 43.37 27.03
CA GLN D 241 20.97 44.42 26.97
C GLN D 241 19.63 43.78 26.57
N TRP D 242 19.66 42.86 25.63
CA TRP D 242 18.44 42.18 25.19
C TRP D 242 17.82 41.37 26.34
N ASP D 243 18.66 40.67 27.13
CA ASP D 243 18.13 39.92 28.27
C ASP D 243 17.50 40.86 29.31
N VAL D 244 18.13 42.03 29.57
CA VAL D 244 17.59 43.01 30.52
C VAL D 244 16.22 43.50 30.02
N LEU D 245 16.15 43.87 28.73
CA LEU D 245 14.89 44.36 28.16
C LEU D 245 13.83 43.30 28.16
N SER D 246 14.20 42.06 27.90
CA SER D 246 13.25 40.95 27.85
C SER D 246 12.65 40.71 29.24
N ASN D 247 13.48 40.77 30.26
CA ASN D 247 13.02 40.60 31.63
C ASN D 247 12.15 41.75 32.10
N LYS D 248 12.45 42.96 31.65
CA LYS D 248 11.68 44.13 31.96
C LYS D 248 10.28 43.99 31.31
N PHE D 249 10.24 43.55 30.06
CA PHE D 249 8.96 43.27 29.40
C PHE D 249 8.13 42.22 30.21
N ILE D 250 8.74 41.13 30.65
CA ILE D 250 8.04 40.10 31.41
C ILE D 250 7.57 40.67 32.77
N SER D 251 8.42 41.45 33.47
CA SER D 251 7.99 42.01 34.74
C SER D 251 6.83 43.01 34.55
N VAL D 252 6.85 43.79 33.48
CA VAL D 252 5.75 44.73 33.19
C VAL D 252 4.46 43.93 32.94
N LYS D 253 4.53 42.88 32.11
CA LYS D 253 3.39 42.04 31.84
C LYS D 253 2.83 41.40 33.12
N ASN D 254 3.71 40.95 34.01
CA ASN D 254 3.32 40.32 35.26
C ASN D 254 2.69 41.33 36.22
N ALA D 255 3.09 42.61 36.16
CA ALA D 255 2.53 43.62 37.06
C ALA D 255 1.23 44.26 36.57
N GLU D 256 0.92 44.10 35.26
CA GLU D 256 -0.25 44.64 34.54
C GLU D 256 -0.08 46.11 34.22
N ALA D 261 -2.13 44.86 23.08
CA ALA D 261 -2.98 43.92 22.34
C ALA D 261 -2.22 43.19 21.24
N GLY D 262 -2.27 41.86 21.27
CA GLY D 262 -1.62 41.01 20.27
C GLY D 262 -0.11 40.86 20.46
N ILE D 263 0.44 41.43 21.52
CA ILE D 263 1.88 41.29 21.81
C ILE D 263 2.05 40.34 22.96
N VAL D 264 2.71 39.21 22.71
CA VAL D 264 2.95 38.24 23.78
C VAL D 264 4.40 38.29 24.21
N THR D 265 5.32 38.37 23.27
CA THR D 265 6.74 38.39 23.61
C THR D 265 7.46 39.61 23.02
N PRO D 266 8.71 39.85 23.47
CA PRO D 266 9.51 40.93 22.85
C PRO D 266 9.76 40.71 21.35
N TYR D 267 9.92 39.44 20.85
CA TYR D 267 10.07 39.23 19.40
C TYR D 267 8.86 39.71 18.65
N ASP D 268 7.64 39.62 19.25
CA ASP D 268 6.42 40.10 18.58
C ASP D 268 6.53 41.61 18.33
N ILE D 269 7.14 42.36 19.26
CA ILE D 269 7.35 43.80 19.07
C ILE D 269 8.27 44.03 17.88
N LEU D 270 9.47 43.38 17.84
CA LEU D 270 10.39 43.57 16.73
C LEU D 270 9.84 43.11 15.40
N LYS D 271 9.06 42.02 15.38
CA LYS D 271 8.48 41.56 14.12
C LYS D 271 7.50 42.61 13.57
N GLN D 272 6.85 43.35 14.46
CA GLN D 272 5.87 44.37 14.13
C GLN D 272 6.53 45.71 13.77
N GLU D 273 7.61 46.10 14.45
CA GLU D 273 8.26 47.38 14.23
C GLU D 273 9.43 47.43 13.24
N LEU D 274 10.17 46.33 13.05
CA LEU D 274 11.32 46.36 12.14
C LEU D 274 10.98 45.85 10.73
N ASP D 275 11.83 46.21 9.74
CA ASP D 275 11.65 45.75 8.37
C ASP D 275 12.31 44.40 8.23
N GLU D 276 11.51 43.37 7.91
CA GLU D 276 11.95 42.00 7.70
C GLU D 276 12.83 41.49 8.83
N PHE D 277 12.35 41.61 10.08
CA PHE D 277 13.08 41.10 11.23
C PHE D 277 12.95 39.59 11.17
N ASN D 278 14.09 38.87 11.24
CA ASN D 278 14.01 37.42 11.22
C ASN D 278 14.51 36.89 12.54
N GLU D 279 13.66 36.19 13.26
CA GLU D 279 13.96 35.66 14.56
C GLU D 279 15.15 34.71 14.58
N VAL D 280 15.26 33.80 13.57
CA VAL D 280 16.40 32.88 13.57
C VAL D 280 17.68 33.66 13.36
N ALA D 281 17.69 34.68 12.47
CA ALA D 281 18.91 35.48 12.26
C ALA D 281 19.33 36.21 13.53
N PHE D 282 18.35 36.80 14.23
CA PHE D 282 18.63 37.54 15.45
C PHE D 282 19.18 36.62 16.52
N GLU D 283 18.50 35.47 16.77
CA GLU D 283 18.98 34.49 17.77
C GLU D 283 20.40 33.99 17.44
N ASN D 284 20.68 33.76 16.15
CA ASN D 284 22.02 33.31 15.77
C ASN D 284 23.04 34.41 16.03
N GLU D 285 22.74 35.64 15.66
CA GLU D 285 23.68 36.74 15.86
C GLU D 285 24.02 36.91 17.34
N ILE D 286 22.96 37.00 18.19
CA ILE D 286 23.24 37.25 19.61
C ILE D 286 23.91 36.06 20.30
N ASN D 287 23.80 34.84 19.73
CA ASN D 287 24.46 33.66 20.26
C ASN D 287 25.73 33.24 19.51
N LYS D 288 26.27 34.14 18.66
CA LYS D 288 27.51 33.90 17.92
C LYS D 288 27.45 32.63 17.06
N ARG D 289 26.26 32.35 16.55
CA ARG D 289 26.02 31.23 15.63
C ARG D 289 25.75 31.70 14.21
N ASP D 290 25.87 32.99 13.93
CA ASP D 290 25.67 33.53 12.57
C ASP D 290 26.90 33.21 11.72
N GLY D 291 26.70 33.30 10.38
CA GLY D 291 27.78 33.02 9.46
C GLY D 291 28.97 33.95 9.64
N ALA D 292 28.75 35.25 9.95
CA ALA D 292 29.92 36.16 10.06
C ALA D 292 30.85 35.77 11.18
N TYR D 293 30.31 35.51 12.39
CA TYR D 293 31.18 35.14 13.51
C TYR D 293 31.84 33.79 13.24
N ILE D 294 31.07 32.80 12.71
CA ILE D 294 31.69 31.49 12.44
C ILE D 294 32.77 31.57 11.36
N GLU D 295 32.47 32.25 10.25
CA GLU D 295 33.37 32.30 9.13
C GLU D 295 34.58 33.20 9.32
N LEU D 296 34.43 34.24 10.18
CA LEU D 296 35.54 35.17 10.40
C LEU D 296 36.30 34.94 11.69
N CYS D 297 35.63 34.42 12.72
CA CYS D 297 36.25 34.39 14.05
C CYS D 297 36.46 33.03 14.65
N VAL D 298 36.11 31.94 13.94
CA VAL D 298 36.38 30.60 14.46
C VAL D 298 37.52 30.01 13.61
N CYS D 299 38.68 29.68 14.22
CA CYS D 299 39.82 29.20 13.41
C CYS D 299 39.56 27.85 12.75
N SER D 300 39.92 27.77 11.47
CA SER D 300 39.92 26.60 10.61
C SER D 300 40.67 26.92 9.28
N GLU E 46 8.84 41.19 0.70
CA GLU E 46 9.15 39.92 1.34
C GLU E 46 10.21 39.15 0.55
N VAL E 47 11.10 38.46 1.24
CA VAL E 47 12.13 37.66 0.56
C VAL E 47 11.51 36.40 -0.01
N GLN E 48 11.79 36.13 -1.29
CA GLN E 48 11.32 34.92 -1.94
C GLN E 48 12.52 34.26 -2.64
N LEU E 49 12.50 32.94 -2.67
CA LEU E 49 13.54 32.15 -3.33
C LEU E 49 12.91 31.46 -4.53
N GLN E 50 13.51 31.54 -5.70
CA GLN E 50 12.96 30.85 -6.89
C GLN E 50 13.98 30.01 -7.57
N GLU E 51 13.74 28.69 -7.66
CA GLU E 51 14.60 27.76 -8.36
C GLU E 51 14.31 27.90 -9.86
N SER E 52 15.35 27.69 -10.66
CA SER E 52 15.31 27.60 -12.13
C SER E 52 16.33 26.54 -12.57
N GLY E 53 16.08 25.98 -13.75
CA GLY E 53 16.94 24.92 -14.24
C GLY E 53 16.11 23.81 -14.85
N PRO E 54 16.77 23.01 -15.69
CA PRO E 54 16.05 21.96 -16.42
C PRO E 54 15.41 20.94 -15.52
N GLY E 55 14.26 20.44 -15.96
CA GLY E 55 13.53 19.40 -15.26
C GLY E 55 13.90 18.00 -15.76
N LEU E 56 14.65 17.88 -16.85
CA LEU E 56 15.04 16.58 -17.40
C LEU E 56 16.57 16.60 -17.60
N VAL E 57 17.27 15.60 -17.08
CA VAL E 57 18.72 15.45 -17.19
C VAL E 57 19.02 14.04 -17.64
N LYS E 58 19.93 13.86 -18.64
CA LYS E 58 20.28 12.51 -19.06
C LYS E 58 21.19 11.84 -18.05
N PRO E 59 21.09 10.49 -17.89
CA PRO E 59 22.02 9.80 -16.99
C PRO E 59 23.47 10.06 -17.41
N SER E 60 24.37 10.21 -16.43
CA SER E 60 25.79 10.56 -16.56
C SER E 60 26.07 12.05 -16.79
N GLU E 61 25.03 12.89 -17.05
CA GLU E 61 25.25 14.31 -17.27
C GLU E 61 25.16 15.04 -15.90
N THR E 62 25.30 16.36 -15.91
CA THR E 62 25.31 17.13 -14.69
C THR E 62 23.99 17.87 -14.57
N LEU E 63 23.38 17.74 -13.41
CA LEU E 63 22.14 18.43 -13.02
C LEU E 63 22.58 19.80 -12.53
N SER E 64 21.96 20.86 -13.05
CA SER E 64 22.29 22.22 -12.66
C SER E 64 21.05 22.97 -12.30
N LEU E 65 21.04 23.64 -11.15
CA LEU E 65 19.91 24.47 -10.75
C LEU E 65 20.42 25.77 -10.16
N THR E 66 19.59 26.79 -10.25
CA THR E 66 19.94 28.12 -9.72
C THR E 66 18.81 28.61 -8.85
N CYS E 67 19.13 29.32 -7.76
CA CYS E 67 18.16 29.93 -6.89
C CYS E 67 18.42 31.42 -6.98
N THR E 68 17.37 32.19 -7.31
CA THR E 68 17.48 33.63 -7.36
C THR E 68 16.76 34.20 -6.15
N VAL E 69 17.45 35.06 -5.42
CA VAL E 69 16.83 35.70 -4.27
C VAL E 69 16.10 36.94 -4.78
N SER E 70 14.84 37.07 -4.41
CA SER E 70 14.09 38.27 -4.80
C SER E 70 13.54 38.92 -3.53
N GLY E 71 13.46 40.25 -3.51
CA GLY E 71 12.99 40.97 -2.32
C GLY E 71 13.99 41.00 -1.18
N GLY E 72 15.22 40.59 -1.46
CA GLY E 72 16.28 40.54 -0.47
C GLY E 72 17.62 40.26 -1.15
N SER E 73 18.64 40.01 -0.37
CA SER E 73 20.00 39.84 -0.87
C SER E 73 20.64 38.52 -0.46
N VAL E 74 21.34 37.90 -1.41
CA VAL E 74 22.13 36.70 -1.13
C VAL E 74 23.38 37.07 -0.31
N SER E 75 23.77 38.38 -0.31
CA SER E 75 24.96 38.81 0.40
C SER E 75 24.63 39.02 1.87
N SER E 76 24.15 37.96 2.53
CA SER E 76 23.77 38.04 3.93
C SER E 76 24.97 37.77 4.79
N SER E 77 25.29 38.67 5.76
CA SER E 77 26.42 38.29 6.62
C SER E 77 25.96 37.24 7.68
N THR E 78 24.63 37.05 7.92
CA THR E 78 24.17 36.09 8.93
C THR E 78 23.87 34.70 8.40
N TYR E 79 23.16 34.62 7.26
CA TYR E 79 22.68 33.35 6.75
C TYR E 79 23.61 32.59 5.84
N TYR E 80 23.40 31.27 5.76
CA TYR E 80 23.98 30.43 4.72
C TYR E 80 22.81 30.16 3.73
N TRP E 81 23.13 29.58 2.59
CA TRP E 81 22.13 29.30 1.53
C TRP E 81 22.33 27.85 1.17
N GLY E 82 21.25 27.12 1.10
CA GLY E 82 21.39 25.67 0.90
C GLY E 82 20.44 25.02 -0.06
N TRP E 83 20.71 23.74 -0.28
CA TRP E 83 19.90 22.93 -1.16
C TRP E 83 19.50 21.67 -0.38
N VAL E 84 18.26 21.25 -0.56
CA VAL E 84 17.70 20.04 0.08
C VAL E 84 16.94 19.30 -1.02
N ARG E 85 16.97 17.98 -1.01
CA ARG E 85 16.18 17.21 -2.01
C ARG E 85 15.29 16.18 -1.34
N GLN E 86 14.24 15.77 -2.09
CA GLN E 86 13.26 14.79 -1.62
C GLN E 86 12.93 13.89 -2.81
N PRO E 87 13.57 12.70 -2.86
CA PRO E 87 13.22 11.74 -3.94
C PRO E 87 11.78 11.28 -3.71
N PRO E 88 11.07 10.92 -4.79
CA PRO E 88 9.66 10.51 -4.64
C PRO E 88 9.47 9.39 -3.64
N GLY E 89 8.56 9.60 -2.69
CA GLY E 89 8.29 8.62 -1.65
C GLY E 89 9.40 8.41 -0.64
N LYS E 90 10.35 9.36 -0.53
CA LYS E 90 11.47 9.22 0.41
C LYS E 90 11.58 10.47 1.32
N GLY E 91 12.56 10.49 2.21
CA GLY E 91 12.75 11.58 3.14
C GLY E 91 13.58 12.72 2.58
N LEU E 92 13.64 13.81 3.33
CA LEU E 92 14.41 14.97 2.94
C LEU E 92 15.89 14.70 3.18
N GLU E 93 16.76 15.25 2.31
CA GLU E 93 18.21 15.09 2.44
C GLU E 93 18.85 16.45 2.21
N TRP E 94 19.61 16.98 3.17
CA TRP E 94 20.33 18.24 3.00
C TRP E 94 21.53 17.95 2.11
N ILE E 95 21.70 18.72 1.02
CA ILE E 95 22.83 18.50 0.10
C ILE E 95 24.05 19.27 0.51
N GLY E 96 23.85 20.54 0.82
CA GLY E 96 24.94 21.39 1.27
C GLY E 96 24.49 22.83 1.44
N SER E 97 25.37 23.65 1.98
CA SER E 97 25.10 25.09 2.14
C SER E 97 26.35 25.89 1.81
N ILE E 98 26.12 27.14 1.51
CA ILE E 98 27.19 28.06 1.15
C ILE E 98 27.01 29.42 1.82
N TYR E 99 28.14 30.05 2.20
CA TYR E 99 28.13 31.40 2.72
C TYR E 99 28.45 32.33 1.54
N TYR E 100 28.02 33.61 1.61
CA TYR E 100 28.24 34.51 0.45
C TYR E 100 29.72 34.72 0.13
N SER E 101 30.63 34.42 1.09
CA SER E 101 32.09 34.47 0.86
C SER E 101 32.54 33.36 -0.12
N GLY E 102 31.76 32.29 -0.24
CA GLY E 102 32.11 31.14 -1.06
C GLY E 102 32.39 29.89 -0.22
N SER E 103 32.48 30.01 1.11
CA SER E 103 32.72 28.81 1.93
C SER E 103 31.55 27.85 1.88
N THR E 104 31.83 26.56 1.69
CA THR E 104 30.80 25.53 1.55
C THR E 104 30.89 24.43 2.59
N TYR E 105 29.75 23.76 2.81
CA TYR E 105 29.57 22.61 3.64
C TYR E 105 28.73 21.64 2.90
N TYR E 106 29.22 20.41 2.75
CA TYR E 106 28.49 19.41 1.95
C TYR E 106 28.18 18.15 2.72
N ASN E 107 27.05 17.51 2.38
CA ASN E 107 26.71 16.20 2.94
C ASN E 107 27.75 15.18 2.43
N PRO E 108 28.38 14.39 3.32
CA PRO E 108 29.34 13.37 2.87
C PRO E 108 28.76 12.34 1.93
N SER E 109 27.44 12.14 1.92
CA SER E 109 26.80 11.19 1.00
C SER E 109 26.96 11.65 -0.48
N LEU E 110 27.27 12.94 -0.73
CA LEU E 110 27.38 13.45 -2.09
C LEU E 110 28.64 14.24 -2.38
N LYS E 111 29.49 14.50 -1.36
CA LYS E 111 30.64 15.41 -1.49
C LYS E 111 31.55 15.18 -2.73
N SER E 112 31.67 13.94 -3.26
CA SER E 112 32.51 13.71 -4.44
C SER E 112 31.84 14.13 -5.78
N ARG E 113 30.55 14.53 -5.76
CA ARG E 113 29.94 14.95 -7.03
C ARG E 113 29.04 16.15 -6.91
N VAL E 114 29.22 16.94 -5.86
CA VAL E 114 28.40 18.13 -5.73
C VAL E 114 29.24 19.40 -5.64
N THR E 115 28.72 20.47 -6.25
CA THR E 115 29.34 21.78 -6.14
C THR E 115 28.25 22.80 -5.94
N ILE E 116 28.37 23.58 -4.90
CA ILE E 116 27.45 24.70 -4.68
C ILE E 116 28.27 25.96 -4.88
N SER E 117 27.66 26.95 -5.57
CA SER E 117 28.33 28.22 -5.88
C SER E 117 27.44 29.39 -5.50
N VAL E 118 28.04 30.59 -5.38
CA VAL E 118 27.27 31.78 -5.10
C VAL E 118 27.77 32.90 -6.00
N ASP E 119 26.83 33.69 -6.52
CA ASP E 119 27.20 34.81 -7.38
C ASP E 119 26.54 36.04 -6.83
N THR E 120 27.27 36.73 -5.96
CA THR E 120 26.74 37.93 -5.32
C THR E 120 26.45 39.04 -6.31
N SER E 121 27.12 39.08 -7.48
CA SER E 121 26.83 40.12 -8.46
C SER E 121 25.51 39.88 -9.23
N LYS E 122 24.92 38.67 -9.11
CA LYS E 122 23.65 38.33 -9.72
C LYS E 122 22.56 37.96 -8.70
N ASN E 123 22.86 38.02 -7.37
CA ASN E 123 21.84 37.71 -6.35
C ASN E 123 21.36 36.28 -6.45
N GLN E 124 22.31 35.37 -6.69
CA GLN E 124 21.92 33.98 -6.91
C GLN E 124 22.90 33.04 -6.27
N PHE E 125 22.45 31.79 -6.08
CA PHE E 125 23.33 30.68 -5.71
C PHE E 125 22.92 29.46 -6.49
N SER E 126 23.82 28.51 -6.66
CA SER E 126 23.54 27.41 -7.59
C SER E 126 24.02 26.06 -7.10
N LEU E 127 23.53 25.00 -7.75
CA LEU E 127 23.87 23.63 -7.41
C LEU E 127 24.28 22.93 -8.71
N LYS E 128 25.33 22.14 -8.65
CA LYS E 128 25.68 21.25 -9.76
C LYS E 128 25.93 19.87 -9.16
N LEU E 129 25.27 18.85 -9.66
CA LEU E 129 25.44 17.46 -9.20
C LEU E 129 25.83 16.66 -10.41
N SER E 130 27.03 16.13 -10.41
CA SER E 130 27.53 15.41 -11.60
C SER E 130 27.19 13.93 -11.59
N SER E 131 27.39 13.29 -12.77
CA SER E 131 27.22 11.85 -13.00
C SER E 131 25.90 11.33 -12.44
N VAL E 132 24.79 12.02 -12.80
CA VAL E 132 23.52 11.63 -12.22
C VAL E 132 23.00 10.27 -12.69
N THR E 133 22.21 9.63 -11.83
CA THR E 133 21.50 8.40 -12.16
C THR E 133 20.03 8.63 -11.82
N ALA E 134 19.13 7.65 -12.12
CA ALA E 134 17.75 7.78 -11.72
C ALA E 134 17.59 7.91 -10.19
N ALA E 135 18.61 7.51 -9.38
CA ALA E 135 18.48 7.72 -7.92
C ALA E 135 18.48 9.24 -7.57
N ASP E 136 18.93 10.10 -8.50
CA ASP E 136 18.97 11.55 -8.31
C ASP E 136 17.67 12.23 -8.72
N THR E 137 16.68 11.48 -9.28
CA THR E 137 15.37 12.06 -9.56
C THR E 137 14.72 12.45 -8.21
N ALA E 138 14.33 13.72 -8.06
CA ALA E 138 13.85 14.20 -6.77
C ALA E 138 13.32 15.60 -6.96
N VAL E 139 12.59 16.11 -5.97
CA VAL E 139 12.26 17.53 -5.94
C VAL E 139 13.46 18.19 -5.19
N TYR E 140 14.03 19.22 -5.81
CA TYR E 140 15.16 19.97 -5.24
C TYR E 140 14.67 21.31 -4.76
N TYR E 141 14.94 21.64 -3.49
CA TYR E 141 14.55 22.89 -2.88
C TYR E 141 15.78 23.73 -2.56
N CYS E 142 15.69 25.04 -2.83
CA CYS E 142 16.67 25.95 -2.29
C CYS E 142 16.09 26.49 -0.99
N ALA E 143 16.98 26.89 -0.08
CA ALA E 143 16.55 27.29 1.26
C ALA E 143 17.55 28.25 1.87
N ARG E 144 17.03 29.08 2.75
CA ARG E 144 17.84 30.01 3.53
C ARG E 144 18.18 29.26 4.78
N ASP E 145 19.48 29.06 5.04
CA ASP E 145 19.95 28.19 6.11
C ASP E 145 20.49 29.02 7.28
N GLY E 146 19.70 29.13 8.33
CA GLY E 146 20.09 29.84 9.54
C GLY E 146 20.93 28.94 10.44
N THR E 147 22.12 28.56 9.97
CA THR E 147 23.03 27.64 10.68
C THR E 147 22.30 26.41 11.27
N GLY E 148 21.51 25.77 10.42
CA GLY E 148 20.78 24.58 10.82
C GLY E 148 19.28 24.74 10.74
N ALA E 149 18.75 25.93 11.01
CA ALA E 149 17.30 26.17 10.97
C ALA E 149 16.97 26.77 9.61
N LEU E 150 16.38 25.98 8.74
CA LEU E 150 16.10 26.44 7.35
C LEU E 150 14.78 27.19 7.41
N ASP E 151 14.86 28.51 7.50
CA ASP E 151 13.67 29.28 7.83
C ASP E 151 12.92 29.84 6.66
N LEU E 152 13.39 29.59 5.42
CA LEU E 152 12.71 30.04 4.22
C LEU E 152 13.07 29.06 3.12
N TRP E 153 12.06 28.55 2.42
CA TRP E 153 12.29 27.54 1.37
C TRP E 153 11.69 28.03 0.07
N GLY E 154 12.31 27.62 -1.03
CA GLY E 154 11.74 27.85 -2.36
C GLY E 154 10.62 26.84 -2.59
N ARG E 155 9.89 26.95 -3.72
CA ARG E 155 8.77 26.03 -3.99
C ARG E 155 9.21 24.62 -4.43
N GLY E 156 10.43 24.47 -4.85
CA GLY E 156 10.94 23.18 -5.27
C GLY E 156 10.76 22.95 -6.76
N THR E 157 11.75 22.26 -7.33
CA THR E 157 11.70 21.92 -8.75
C THR E 157 11.96 20.41 -8.87
N LEU E 158 11.08 19.69 -9.61
CA LEU E 158 11.31 18.27 -9.84
C LEU E 158 12.32 18.11 -10.96
N VAL E 159 13.34 17.35 -10.75
CA VAL E 159 14.30 16.99 -11.80
C VAL E 159 14.20 15.51 -12.00
N THR E 160 13.99 15.08 -13.26
CA THR E 160 13.91 13.64 -13.58
C THR E 160 15.15 13.29 -14.35
N VAL E 161 15.82 12.21 -13.96
CA VAL E 161 16.98 11.69 -14.68
C VAL E 161 16.57 10.56 -15.57
N SER E 162 16.63 10.77 -16.88
CA SER E 162 16.13 9.80 -17.86
C SER E 162 16.74 10.05 -19.20
N SER E 163 16.88 8.95 -20.01
CA SER E 163 17.36 9.08 -21.39
C SER E 163 16.19 9.41 -22.37
N ALA E 164 14.93 9.29 -21.92
CA ALA E 164 13.80 9.54 -22.77
C ALA E 164 13.68 11.04 -23.11
N SER E 165 13.03 11.35 -24.24
CA SER E 165 12.91 12.72 -24.69
C SER E 165 11.72 13.41 -24.08
N THR E 166 11.78 14.76 -24.02
CA THR E 166 10.63 15.51 -23.56
C THR E 166 9.48 15.38 -24.54
N LYS E 167 8.26 15.32 -24.03
CA LYS E 167 7.04 15.28 -24.85
C LYS E 167 6.01 16.15 -24.18
N GLY E 168 5.54 17.16 -24.90
CA GLY E 168 4.50 18.03 -24.39
C GLY E 168 3.16 17.30 -24.43
N PRO E 169 2.24 17.75 -23.59
CA PRO E 169 0.94 17.07 -23.53
C PRO E 169 -0.02 17.41 -24.66
N SER E 170 -0.94 16.49 -24.92
CA SER E 170 -2.11 16.74 -25.73
C SER E 170 -3.21 17.03 -24.70
N VAL E 171 -4.06 18.02 -24.95
CA VAL E 171 -5.09 18.40 -24.01
C VAL E 171 -6.47 18.23 -24.62
N PHE E 172 -7.34 17.43 -23.99
CA PHE E 172 -8.67 17.14 -24.51
C PHE E 172 -9.73 17.60 -23.52
N PRO E 173 -10.90 18.02 -24.00
CA PRO E 173 -11.96 18.44 -23.07
C PRO E 173 -12.69 17.27 -22.41
N LEU E 174 -13.14 17.48 -21.18
CA LEU E 174 -14.04 16.59 -20.44
C LEU E 174 -15.30 17.48 -20.43
N ALA E 175 -16.11 17.39 -21.48
CA ALA E 175 -17.26 18.28 -21.67
C ALA E 175 -18.38 18.04 -20.66
N PRO E 176 -19.06 19.12 -20.22
CA PRO E 176 -20.16 18.93 -19.25
C PRO E 176 -21.30 18.15 -19.88
N SER E 177 -21.85 17.21 -19.13
CA SER E 177 -22.94 16.36 -19.58
C SER E 177 -24.17 17.15 -19.99
N SER E 178 -24.83 16.73 -21.08
CA SER E 178 -26.10 17.36 -21.52
C SER E 178 -27.23 17.12 -20.48
N LYS E 179 -27.06 16.12 -19.59
CA LYS E 179 -28.00 15.78 -18.55
C LYS E 179 -27.66 16.44 -17.20
N SER E 180 -26.79 17.49 -17.19
CA SER E 180 -26.42 18.22 -15.97
C SER E 180 -27.70 18.77 -15.31
N THR E 181 -27.87 18.52 -14.00
CA THR E 181 -29.08 18.91 -13.27
C THR E 181 -29.43 20.36 -13.45
N SER E 182 -30.66 20.63 -13.93
CA SER E 182 -31.15 21.98 -14.17
C SER E 182 -31.12 22.78 -12.86
N GLY E 183 -30.45 23.93 -12.86
CA GLY E 183 -30.32 24.74 -11.65
C GLY E 183 -29.42 24.15 -10.57
N GLY E 184 -28.70 23.08 -10.89
CA GLY E 184 -27.82 22.40 -9.96
C GLY E 184 -26.34 22.56 -10.29
N THR E 185 -25.58 21.47 -10.11
CA THR E 185 -24.12 21.50 -10.32
C THR E 185 -23.70 20.60 -11.47
N ALA E 186 -22.76 21.08 -12.30
CA ALA E 186 -22.21 20.34 -13.43
C ALA E 186 -20.72 20.16 -13.21
N ALA E 187 -20.14 19.14 -13.81
CA ALA E 187 -18.69 18.94 -13.75
C ALA E 187 -18.14 19.02 -15.15
N LEU E 188 -16.97 19.62 -15.26
CA LEU E 188 -16.27 19.67 -16.54
C LEU E 188 -14.77 19.61 -16.26
N GLY E 189 -13.99 19.42 -17.28
CA GLY E 189 -12.55 19.32 -17.06
C GLY E 189 -11.72 19.23 -18.30
N CYS E 190 -10.45 18.90 -18.07
CA CYS E 190 -9.49 18.70 -19.17
C CYS E 190 -8.69 17.45 -18.87
N LEU E 191 -8.41 16.66 -19.91
CA LEU E 191 -7.58 15.47 -19.82
C LEU E 191 -6.26 15.86 -20.45
N VAL E 192 -5.15 15.72 -19.70
CA VAL E 192 -3.83 16.17 -20.13
C VAL E 192 -3.06 14.88 -20.33
N LYS E 193 -2.88 14.48 -21.56
CA LYS E 193 -2.35 13.16 -21.86
C LYS E 193 -0.96 13.14 -22.53
N ASP E 194 -0.19 12.08 -22.25
CA ASP E 194 1.01 11.70 -22.96
C ASP E 194 2.12 12.73 -22.92
N TYR E 195 2.54 13.05 -21.70
CA TYR E 195 3.63 13.99 -21.55
C TYR E 195 4.77 13.36 -20.78
N PHE E 196 5.95 13.97 -20.87
CA PHE E 196 7.12 13.49 -20.16
C PHE E 196 8.13 14.63 -20.15
N PRO E 197 8.87 14.83 -19.05
CA PRO E 197 8.66 14.24 -17.72
C PRO E 197 7.53 15.04 -16.99
N GLU E 198 7.34 14.73 -15.70
CA GLU E 198 6.46 15.58 -14.88
C GLU E 198 7.23 16.91 -14.58
N PRO E 199 6.57 17.94 -14.11
CA PRO E 199 5.12 18.06 -13.93
C PRO E 199 4.43 18.88 -15.03
N VAL E 200 3.10 18.82 -15.06
CA VAL E 200 2.31 19.82 -15.72
C VAL E 200 1.64 20.61 -14.59
N THR E 201 1.33 21.87 -14.86
CA THR E 201 0.48 22.66 -13.96
C THR E 201 -0.79 23.01 -14.71
N VAL E 202 -1.90 23.07 -14.00
CA VAL E 202 -3.17 23.42 -14.62
C VAL E 202 -3.84 24.50 -13.80
N SER E 203 -4.33 25.51 -14.49
CA SER E 203 -5.18 26.49 -13.83
C SER E 203 -6.46 26.60 -14.66
N TRP E 204 -7.47 27.27 -14.13
CA TRP E 204 -8.71 27.50 -14.84
C TRP E 204 -8.95 28.99 -14.91
N ASN E 205 -9.26 29.47 -16.12
CA ASN E 205 -9.53 30.91 -16.35
C ASN E 205 -8.42 31.80 -15.82
N SER E 206 -7.17 31.36 -16.03
CA SER E 206 -5.99 32.08 -15.58
C SER E 206 -5.99 32.40 -14.09
N GLY E 207 -6.60 31.52 -13.31
CA GLY E 207 -6.66 31.69 -11.87
C GLY E 207 -7.96 32.29 -11.37
N ALA E 208 -8.88 32.72 -12.26
CA ALA E 208 -10.16 33.29 -11.81
C ALA E 208 -11.05 32.18 -11.24
N LEU E 209 -10.81 30.91 -11.62
CA LEU E 209 -11.65 29.79 -11.14
C LEU E 209 -10.79 28.86 -10.30
N THR E 210 -11.00 28.88 -8.95
CA THR E 210 -10.19 28.02 -8.07
C THR E 210 -11.07 27.12 -7.19
N SER E 211 -12.23 27.62 -6.80
CA SER E 211 -13.13 26.82 -5.94
C SER E 211 -13.67 25.66 -6.72
N GLY E 212 -13.63 24.51 -6.10
CA GLY E 212 -14.15 23.30 -6.72
C GLY E 212 -13.23 22.64 -7.73
N VAL E 213 -12.02 23.18 -7.93
CA VAL E 213 -11.09 22.55 -8.88
C VAL E 213 -10.38 21.38 -8.21
N HIS E 214 -10.23 20.28 -8.95
CA HIS E 214 -9.41 19.20 -8.48
C HIS E 214 -8.49 18.81 -9.61
N THR E 215 -7.16 18.94 -9.41
CA THR E 215 -6.21 18.49 -10.41
C THR E 215 -5.54 17.27 -9.83
N PHE E 216 -5.76 16.12 -10.48
CA PHE E 216 -5.34 14.85 -9.95
C PHE E 216 -3.86 14.60 -10.08
N PRO E 217 -3.28 13.77 -9.22
CA PRO E 217 -1.89 13.33 -9.44
C PRO E 217 -1.77 12.60 -10.79
N ALA E 218 -0.65 12.79 -11.46
CA ALA E 218 -0.43 12.10 -12.73
C ALA E 218 -0.28 10.59 -12.51
N VAL E 219 -0.62 9.83 -13.53
CA VAL E 219 -0.39 8.40 -13.51
C VAL E 219 0.57 8.10 -14.63
N LEU E 220 1.53 7.20 -14.35
CA LEU E 220 2.46 6.77 -15.38
C LEU E 220 1.80 5.66 -16.16
N GLN E 221 1.63 5.86 -17.47
CA GLN E 221 1.06 4.85 -18.34
C GLN E 221 2.13 3.80 -18.78
N SER E 222 1.66 2.64 -19.31
CA SER E 222 2.62 1.62 -19.76
C SER E 222 3.52 2.09 -20.91
N SER E 223 3.12 3.14 -21.61
CA SER E 223 3.93 3.75 -22.68
C SER E 223 5.14 4.53 -22.13
N GLY E 224 5.20 4.76 -20.81
CA GLY E 224 6.26 5.55 -20.21
C GLY E 224 5.93 7.05 -20.15
N LEU E 225 4.71 7.43 -20.62
CA LEU E 225 4.22 8.83 -20.59
C LEU E 225 3.21 9.02 -19.46
N TYR E 226 3.11 10.24 -18.98
CA TYR E 226 2.16 10.56 -17.90
C TYR E 226 0.85 11.06 -18.44
N SER E 227 -0.16 10.99 -17.62
CA SER E 227 -1.48 11.53 -17.94
C SER E 227 -2.15 11.98 -16.66
N LEU E 228 -2.90 13.08 -16.74
CA LEU E 228 -3.70 13.50 -15.59
C LEU E 228 -4.98 14.20 -16.05
N SER E 229 -5.96 14.33 -15.16
CA SER E 229 -7.14 15.13 -15.44
C SER E 229 -7.24 16.20 -14.41
N SER E 230 -7.87 17.33 -14.83
CA SER E 230 -8.21 18.41 -13.92
C SER E 230 -9.69 18.66 -14.13
N VAL E 231 -10.47 18.69 -13.06
CA VAL E 231 -11.91 18.90 -13.17
C VAL E 231 -12.33 20.06 -12.26
N VAL E 232 -13.52 20.56 -12.51
CA VAL E 232 -14.11 21.60 -11.70
C VAL E 232 -15.62 21.43 -11.73
N THR E 233 -16.29 21.74 -10.60
CA THR E 233 -17.74 21.72 -10.59
C THR E 233 -18.19 23.18 -10.60
N VAL E 234 -19.20 23.46 -11.41
CA VAL E 234 -19.75 24.79 -11.62
C VAL E 234 -21.27 24.72 -11.71
N PRO E 235 -21.95 25.86 -11.60
CA PRO E 235 -23.42 25.84 -11.74
C PRO E 235 -23.81 25.40 -13.14
N SER E 236 -24.82 24.50 -13.27
CA SER E 236 -25.33 24.09 -14.57
C SER E 236 -25.85 25.28 -15.38
N SER E 237 -26.47 26.26 -14.70
CA SER E 237 -27.00 27.42 -15.41
C SER E 237 -25.88 28.33 -15.98
N SER E 238 -24.61 28.14 -15.53
CA SER E 238 -23.51 28.93 -16.07
C SER E 238 -23.00 28.35 -17.41
N LEU E 239 -23.43 27.14 -17.81
CA LEU E 239 -22.88 26.48 -18.99
C LEU E 239 -23.01 27.21 -20.37
N GLY E 240 -24.14 27.72 -20.83
CA GLY E 240 -24.19 28.42 -22.12
C GLY E 240 -23.77 29.89 -22.07
N THR E 241 -23.25 30.38 -20.92
CA THR E 241 -22.88 31.79 -20.80
C THR E 241 -21.45 32.03 -20.37
N GLN E 242 -20.98 31.28 -19.35
CA GLN E 242 -19.63 31.50 -18.82
C GLN E 242 -18.59 30.70 -19.62
N THR E 243 -17.48 31.35 -19.98
CA THR E 243 -16.39 30.64 -20.68
C THR E 243 -15.54 29.96 -19.63
N TYR E 244 -15.14 28.68 -19.93
CA TYR E 244 -14.26 27.93 -19.07
C TYR E 244 -13.05 27.50 -19.89
N ILE E 245 -11.87 27.87 -19.44
CA ILE E 245 -10.62 27.55 -20.13
C ILE E 245 -9.65 26.90 -19.16
N CYS E 246 -9.07 25.73 -19.55
CA CYS E 246 -8.03 25.15 -18.72
C CYS E 246 -6.70 25.59 -19.32
N ASN E 247 -5.82 26.07 -18.48
CA ASN E 247 -4.48 26.57 -18.89
C ASN E 247 -3.50 25.53 -18.44
N VAL E 248 -2.83 24.87 -19.40
CA VAL E 248 -1.94 23.77 -19.05
C VAL E 248 -0.53 24.19 -19.42
N ASN E 249 0.37 24.11 -18.45
CA ASN E 249 1.75 24.51 -18.69
C ASN E 249 2.63 23.30 -18.46
N HIS E 250 3.58 23.03 -19.39
CA HIS E 250 4.51 21.94 -19.19
C HIS E 250 5.89 22.56 -19.47
N LYS E 251 6.54 23.07 -18.42
CA LYS E 251 7.81 23.78 -18.57
C LYS E 251 8.92 22.97 -19.31
N PRO E 252 9.03 21.64 -19.10
CA PRO E 252 10.07 20.89 -19.81
C PRO E 252 10.03 21.01 -21.33
N SER E 253 8.83 21.07 -21.90
CA SER E 253 8.68 21.21 -23.34
C SER E 253 8.39 22.65 -23.77
N ASN E 254 8.38 23.61 -22.83
CA ASN E 254 8.06 25.01 -23.10
C ASN E 254 6.69 25.14 -23.76
N THR E 255 5.71 24.33 -23.27
CA THR E 255 4.40 24.37 -23.86
C THR E 255 3.39 25.00 -22.94
N LYS E 256 2.51 25.81 -23.51
CA LYS E 256 1.41 26.44 -22.80
C LYS E 256 0.20 26.25 -23.69
N VAL E 257 -0.80 25.56 -23.20
CA VAL E 257 -2.00 25.26 -23.97
C VAL E 257 -3.18 25.90 -23.22
N ASP E 258 -4.10 26.56 -23.92
CA ASP E 258 -5.34 27.07 -23.29
C ASP E 258 -6.46 26.41 -24.02
N LYS E 259 -7.18 25.44 -23.37
CA LYS E 259 -8.27 24.70 -24.00
C LYS E 259 -9.64 25.19 -23.49
N ARG E 260 -10.49 25.69 -24.40
CA ARG E 260 -11.85 26.08 -23.99
C ARG E 260 -12.69 24.81 -23.89
N VAL E 261 -13.39 24.63 -22.78
CA VAL E 261 -14.23 23.47 -22.56
C VAL E 261 -15.68 23.89 -22.62
N GLU E 262 -16.42 23.35 -23.56
CA GLU E 262 -17.82 23.72 -23.79
C GLU E 262 -18.72 22.49 -23.82
N PRO E 263 -20.06 22.65 -23.61
CA PRO E 263 -20.98 21.54 -23.86
C PRO E 263 -20.86 21.07 -25.32
N LYS E 264 -20.87 19.77 -25.56
CA LYS E 264 -20.75 19.23 -26.91
C LYS E 264 -22.07 19.51 -27.66
N SER E 265 -21.98 19.98 -28.90
CA SER E 265 -23.20 20.32 -29.67
C SER E 265 -24.27 19.23 -29.72
N ASP F 20 27.63 9.90 11.00
CA ASP F 20 26.60 10.93 11.08
C ASP F 20 25.47 10.54 12.06
N ILE F 21 24.59 11.50 12.39
CA ILE F 21 23.48 11.28 13.31
C ILE F 21 22.24 10.80 12.54
N VAL F 22 21.57 9.79 13.08
CA VAL F 22 20.35 9.26 12.48
C VAL F 22 19.15 9.72 13.30
N MET F 23 18.14 10.30 12.64
CA MET F 23 16.91 10.76 13.28
C MET F 23 15.81 9.80 12.90
N THR F 24 15.08 9.31 13.89
CA THR F 24 13.99 8.38 13.66
C THR F 24 12.70 8.91 14.29
N GLN F 25 11.68 9.19 13.47
CA GLN F 25 10.39 9.68 13.92
C GLN F 25 9.37 8.57 14.13
N SER F 26 8.38 8.81 14.98
CA SER F 26 7.29 7.86 15.17
C SER F 26 6.02 8.60 15.55
N PRO F 27 4.85 8.15 15.05
CA PRO F 27 4.67 7.06 14.07
C PRO F 27 5.02 7.52 12.64
N SER F 28 4.99 6.63 11.64
CA SER F 28 5.23 7.08 10.26
C SER F 28 3.94 7.73 9.69
N THR F 29 2.76 7.34 10.21
CA THR F 29 1.48 7.89 9.81
C THR F 29 0.53 7.88 10.99
N LEU F 30 -0.38 8.85 11.03
CA LEU F 30 -1.40 8.89 12.06
C LEU F 30 -2.67 9.55 11.55
N SER F 31 -3.81 9.13 12.08
CA SER F 31 -5.11 9.70 11.74
C SER F 31 -5.70 10.23 13.03
N ALA F 32 -6.26 11.42 12.97
CA ALA F 32 -6.93 12.00 14.15
C ALA F 32 -8.03 12.94 13.69
N SER F 33 -9.01 13.17 14.55
CA SER F 33 -10.12 14.06 14.24
C SER F 33 -9.80 15.50 14.56
N VAL F 34 -10.53 16.44 13.96
CA VAL F 34 -10.38 17.86 14.20
C VAL F 34 -10.64 18.15 15.67
N GLY F 35 -9.67 18.75 16.34
CA GLY F 35 -9.72 19.06 17.76
C GLY F 35 -8.91 18.10 18.61
N ASP F 36 -8.42 16.98 18.05
CA ASP F 36 -7.63 16.01 18.83
C ASP F 36 -6.21 16.53 19.11
N ARG F 37 -5.60 16.04 20.19
CA ARG F 37 -4.22 16.35 20.54
C ARG F 37 -3.37 15.30 19.84
N VAL F 38 -2.42 15.74 18.99
CA VAL F 38 -1.57 14.83 18.24
C VAL F 38 -0.12 14.95 18.71
N THR F 39 0.58 13.82 18.90
CA THR F 39 1.99 13.86 19.31
C THR F 39 2.85 13.04 18.36
N ILE F 40 3.91 13.64 17.86
CA ILE F 40 4.88 12.99 16.98
C ILE F 40 6.21 13.00 17.72
N THR F 41 6.95 11.89 17.74
CA THR F 41 8.24 11.86 18.44
C THR F 41 9.38 11.69 17.47
N CYS F 42 10.56 12.14 17.88
CA CYS F 42 11.76 12.11 17.09
C CYS F 42 12.87 11.64 18.04
N ARG F 43 13.67 10.67 17.60
CA ARG F 43 14.76 10.12 18.42
C ARG F 43 16.09 10.26 17.67
N ALA F 44 17.10 10.83 18.32
CA ALA F 44 18.42 10.97 17.69
C ALA F 44 19.33 9.81 18.12
N SER F 45 20.17 9.29 17.22
CA SER F 45 21.09 8.17 17.51
C SER F 45 22.14 8.51 18.60
N GLN F 46 22.42 9.81 18.78
CA GLN F 46 23.31 10.35 19.80
C GLN F 46 22.77 11.71 20.26
N SER F 47 23.26 12.24 21.40
CA SER F 47 22.76 13.51 21.90
C SER F 47 23.00 14.68 20.94
N ILE F 48 21.93 15.45 20.72
CA ILE F 48 21.99 16.66 19.90
C ILE F 48 21.64 17.93 20.73
N SER F 49 21.62 17.84 22.09
CA SER F 49 21.28 18.98 22.97
C SER F 49 19.87 19.50 22.60
N SER F 50 19.69 20.79 22.26
CA SER F 50 18.39 21.29 21.81
C SER F 50 18.46 21.73 20.32
N TRP F 51 19.46 21.28 19.56
CA TRP F 51 19.63 21.68 18.16
C TRP F 51 18.72 20.86 17.23
N LEU F 52 17.42 21.11 17.32
CA LEU F 52 16.42 20.36 16.59
C LEU F 52 15.36 21.30 16.01
N ALA F 53 15.00 21.08 14.74
CA ALA F 53 13.96 21.85 14.07
C ALA F 53 12.80 20.92 13.66
N TRP F 54 11.59 21.46 13.58
CA TRP F 54 10.41 20.77 13.07
C TRP F 54 9.88 21.56 11.88
N TYR F 55 9.55 20.85 10.78
CA TYR F 55 9.02 21.44 9.54
C TYR F 55 7.67 20.82 9.19
N GLN F 56 6.81 21.60 8.50
CA GLN F 56 5.51 21.14 8.03
C GLN F 56 5.49 21.23 6.51
N GLN F 57 5.01 20.17 5.85
CA GLN F 57 4.96 20.20 4.40
C GLN F 57 3.55 19.83 4.00
N ARG F 58 2.77 20.86 3.65
CA ARG F 58 1.37 20.73 3.21
C ARG F 58 1.32 20.38 1.76
N PRO F 59 0.26 19.71 1.26
CA PRO F 59 0.26 19.25 -0.14
C PRO F 59 0.68 20.21 -1.24
N GLY F 60 1.60 19.73 -2.07
CA GLY F 60 2.15 20.47 -3.20
C GLY F 60 3.01 21.68 -2.81
N LYS F 61 3.20 21.89 -1.51
CA LYS F 61 3.99 23.01 -1.01
C LYS F 61 5.33 22.58 -0.49
N ALA F 62 6.26 23.51 -0.48
CA ALA F 62 7.58 23.29 0.07
C ALA F 62 7.42 23.37 1.58
N PRO F 63 8.37 22.73 2.26
CA PRO F 63 8.33 22.79 3.71
C PRO F 63 8.39 24.20 4.30
N ARG F 64 7.93 24.29 5.51
CA ARG F 64 8.02 25.52 6.27
C ARG F 64 8.45 25.19 7.68
N LEU F 65 9.36 26.01 8.23
CA LEU F 65 9.83 25.84 9.60
C LEU F 65 8.73 26.20 10.59
N LEU F 66 8.48 25.31 11.55
CA LEU F 66 7.52 25.52 12.63
C LEU F 66 8.28 25.90 13.92
N ILE F 67 9.26 25.08 14.29
CA ILE F 67 9.95 25.21 15.57
C ILE F 67 11.43 25.01 15.42
N TYR F 68 12.22 25.85 16.08
CA TYR F 68 13.68 25.73 16.04
C TYR F 68 14.17 25.68 17.51
N LYS F 69 15.41 25.25 17.73
CA LYS F 69 15.97 25.10 19.07
C LYS F 69 15.11 24.19 19.96
N ALA F 70 14.52 23.14 19.33
CA ALA F 70 13.65 22.11 19.93
C ALA F 70 12.28 22.61 20.44
N SER F 71 12.18 23.85 20.94
CA SER F 71 10.92 24.33 21.55
C SER F 71 10.51 25.77 21.16
N SER F 72 11.28 26.48 20.36
CA SER F 72 10.96 27.86 19.99
C SER F 72 10.01 27.96 18.81
N LEU F 73 8.80 28.46 19.04
CA LEU F 73 7.82 28.60 17.95
C LEU F 73 8.18 29.79 17.05
N LEU F 74 8.32 29.57 15.74
CA LEU F 74 8.66 30.66 14.80
C LEU F 74 7.48 31.63 14.65
N SER F 75 7.75 32.95 14.46
CA SER F 75 6.73 33.98 14.31
C SER F 75 5.84 33.66 13.13
N GLY F 76 4.53 33.81 13.30
CA GLY F 76 3.60 33.54 12.22
C GLY F 76 3.09 32.11 12.18
N VAL F 77 3.63 31.22 13.03
CA VAL F 77 3.20 29.82 13.08
C VAL F 77 2.12 29.68 14.16
N PRO F 78 1.00 28.99 13.85
CA PRO F 78 -0.07 28.83 14.86
C PRO F 78 0.38 28.34 16.23
N SER F 79 -0.22 28.88 17.29
CA SER F 79 0.15 28.52 18.66
C SER F 79 -0.17 27.09 19.06
N ARG F 80 -0.95 26.35 18.23
CA ARG F 80 -1.25 24.96 18.55
C ARG F 80 -0.04 24.03 18.39
N PHE F 81 1.02 24.49 17.69
CA PHE F 81 2.25 23.73 17.51
C PHE F 81 3.19 23.97 18.69
N GLY F 82 3.73 22.90 19.26
CA GLY F 82 4.67 23.01 20.38
C GLY F 82 5.73 21.93 20.33
N GLY F 83 6.96 22.29 20.68
CA GLY F 83 8.05 21.32 20.70
C GLY F 83 8.64 21.16 22.08
N SER F 84 9.09 19.95 22.41
CA SER F 84 9.70 19.68 23.70
C SER F 84 10.78 18.62 23.58
N GLY F 85 11.65 18.54 24.58
CA GLY F 85 12.71 17.56 24.62
C GLY F 85 14.10 18.13 24.53
N SER F 86 15.08 17.27 24.84
CA SER F 86 16.49 17.60 24.80
C SER F 86 17.32 16.32 24.78
N GLY F 87 18.52 16.40 24.26
CA GLY F 87 19.40 15.24 24.21
C GLY F 87 19.09 14.32 23.05
N THR F 88 18.34 13.23 23.28
CA THR F 88 18.01 12.29 22.23
C THR F 88 16.52 12.15 21.94
N ASP F 89 15.64 12.62 22.83
CA ASP F 89 14.19 12.40 22.66
C ASP F 89 13.40 13.69 22.58
N PHE F 90 12.65 13.88 21.48
CA PHE F 90 11.92 15.12 21.21
C PHE F 90 10.49 14.84 20.80
N THR F 91 9.59 15.78 21.05
CA THR F 91 8.19 15.60 20.68
C THR F 91 7.62 16.90 20.08
N LEU F 92 6.85 16.76 18.99
CA LEU F 92 6.07 17.83 18.41
C LEU F 92 4.63 17.51 18.80
N THR F 93 3.92 18.47 19.42
CA THR F 93 2.53 18.27 19.76
C THR F 93 1.68 19.33 19.04
N ILE F 94 0.55 18.91 18.48
CA ILE F 94 -0.44 19.82 17.90
C ILE F 94 -1.57 19.68 18.92
N SER F 95 -1.80 20.72 19.72
CA SER F 95 -2.79 20.66 20.80
C SER F 95 -4.25 20.57 20.35
N SER F 96 -4.61 21.21 19.20
CA SER F 96 -5.96 21.21 18.61
C SER F 96 -5.95 21.03 17.08
N LEU F 97 -5.87 19.79 16.61
CA LEU F 97 -5.77 19.48 15.17
C LEU F 97 -6.82 20.16 14.29
N GLN F 98 -6.40 20.84 13.23
CA GLN F 98 -7.28 21.57 12.30
C GLN F 98 -7.20 20.92 10.89
N PRO F 99 -8.19 21.12 9.99
CA PRO F 99 -8.14 20.48 8.66
C PRO F 99 -6.89 20.82 7.86
N ASP F 100 -6.38 22.06 7.99
CA ASP F 100 -5.16 22.47 7.29
C ASP F 100 -3.89 21.86 7.86
N ASP F 101 -3.98 21.10 8.96
CA ASP F 101 -2.81 20.44 9.52
C ASP F 101 -2.48 19.13 8.80
N PHE F 102 -3.30 18.72 7.79
CA PHE F 102 -3.05 17.57 6.92
C PHE F 102 -1.72 17.90 6.22
N ALA F 103 -0.67 17.16 6.57
CA ALA F 103 0.67 17.47 6.09
C ALA F 103 1.63 16.34 6.52
N THR F 104 2.87 16.39 6.02
CA THR F 104 3.94 15.55 6.50
C THR F 104 4.81 16.49 7.38
N TYR F 105 5.16 16.02 8.57
CA TYR F 105 5.97 16.76 9.56
C TYR F 105 7.33 16.11 9.62
N HIS F 106 8.39 16.92 9.61
CA HIS F 106 9.74 16.39 9.58
C HIS F 106 10.56 16.97 10.71
N CYS F 107 11.36 16.15 11.40
CA CYS F 107 12.31 16.69 12.37
C CYS F 107 13.68 16.74 11.69
N GLN F 108 14.59 17.58 12.22
CA GLN F 108 15.93 17.71 11.65
C GLN F 108 16.89 18.15 12.74
N HIS F 109 18.05 17.48 12.85
CA HIS F 109 19.04 17.92 13.84
C HIS F 109 19.96 18.94 13.15
N TYR F 110 20.56 19.83 13.98
CA TYR F 110 21.61 20.68 13.49
C TYR F 110 22.70 20.85 14.56
N ASN F 111 23.03 19.73 15.22
CA ASN F 111 24.03 19.71 16.26
C ASN F 111 25.41 19.90 15.65
N THR F 112 25.68 19.22 14.54
CA THR F 112 26.93 19.22 13.80
C THR F 112 26.60 18.86 12.35
N TYR F 113 27.46 19.26 11.42
CA TYR F 113 27.28 18.88 10.02
C TYR F 113 27.55 17.36 9.90
N PRO F 114 26.84 16.65 9.03
CA PRO F 114 25.80 17.15 8.15
C PRO F 114 24.44 17.25 8.85
N TRP F 115 23.61 18.21 8.38
CA TRP F 115 22.23 18.28 8.88
C TRP F 115 21.50 17.04 8.33
N THR F 116 20.73 16.36 9.16
CA THR F 116 19.98 15.18 8.72
C THR F 116 18.55 15.25 9.25
N PHE F 117 17.61 14.70 8.49
CA PHE F 117 16.18 14.71 8.80
C PHE F 117 15.66 13.35 9.20
N GLY F 118 14.54 13.33 9.91
CA GLY F 118 13.79 12.11 10.16
C GLY F 118 13.09 11.72 8.85
N GLN F 119 12.40 10.58 8.84
CA GLN F 119 11.74 10.11 7.60
C GLN F 119 10.39 10.83 7.29
N GLY F 120 9.88 11.59 8.25
CA GLY F 120 8.61 12.28 8.08
C GLY F 120 7.43 11.51 8.66
N THR F 121 6.44 12.22 9.21
CA THR F 121 5.21 11.64 9.74
C THR F 121 4.02 12.27 9.02
N LYS F 122 3.15 11.43 8.40
CA LYS F 122 1.96 11.89 7.69
C LYS F 122 0.78 11.99 8.66
N VAL F 123 0.19 13.16 8.74
CA VAL F 123 -0.96 13.41 9.59
C VAL F 123 -2.19 13.49 8.69
N GLU F 124 -3.13 12.55 8.90
CA GLU F 124 -4.38 12.43 8.17
C GLU F 124 -5.54 12.83 9.08
N ILE F 125 -6.63 13.33 8.50
CA ILE F 125 -7.76 13.84 9.26
C ILE F 125 -8.96 12.88 9.14
N LYS F 126 -9.57 12.55 10.29
CA LYS F 126 -10.78 11.70 10.32
C LYS F 126 -11.95 12.66 10.36
N ARG F 127 -13.01 12.33 9.63
CA ARG F 127 -14.21 13.15 9.60
C ARG F 127 -15.44 12.25 9.36
N THR F 128 -16.65 12.84 9.27
CA THR F 128 -17.85 12.06 9.00
C THR F 128 -17.85 11.50 7.56
N VAL F 129 -18.65 10.46 7.34
CA VAL F 129 -18.80 9.85 6.02
C VAL F 129 -19.45 10.86 5.06
N ALA F 130 -18.93 10.96 3.84
CA ALA F 130 -19.52 11.82 2.83
C ALA F 130 -19.54 11.00 1.53
N ALA F 131 -20.69 10.90 0.90
CA ALA F 131 -20.86 10.14 -0.33
C ALA F 131 -20.31 10.92 -1.50
N PRO F 132 -19.71 10.24 -2.49
CA PRO F 132 -19.22 10.97 -3.69
C PRO F 132 -20.35 11.34 -4.64
N SER F 133 -20.16 12.45 -5.37
CA SER F 133 -20.99 12.83 -6.51
C SER F 133 -20.21 12.21 -7.69
N VAL F 134 -20.92 11.53 -8.57
CA VAL F 134 -20.28 10.77 -9.66
C VAL F 134 -20.59 11.38 -11.00
N PHE F 135 -19.59 11.41 -11.89
CA PHE F 135 -19.73 11.95 -13.23
C PHE F 135 -18.97 11.11 -14.22
N ILE F 136 -19.51 10.90 -15.42
CA ILE F 136 -18.82 10.15 -16.47
C ILE F 136 -18.62 11.06 -17.66
N PHE F 137 -17.47 10.90 -18.34
CA PHE F 137 -17.13 11.67 -19.52
C PHE F 137 -16.70 10.82 -20.67
N PRO F 138 -17.38 10.93 -21.81
CA PRO F 138 -16.93 10.19 -23.00
C PRO F 138 -15.61 10.75 -23.55
N PRO F 139 -14.92 9.99 -24.43
CA PRO F 139 -13.76 10.57 -25.11
C PRO F 139 -14.20 11.69 -26.06
N SER F 140 -13.30 12.66 -26.23
CA SER F 140 -13.58 13.76 -27.17
C SER F 140 -13.36 13.25 -28.60
N ASP F 141 -14.08 13.84 -29.57
CA ASP F 141 -13.82 13.53 -30.99
C ASP F 141 -12.35 13.85 -31.38
N GLU F 142 -11.77 14.92 -30.78
CA GLU F 142 -10.39 15.30 -31.04
C GLU F 142 -9.44 14.16 -30.68
N GLN F 143 -9.62 13.52 -29.49
CA GLN F 143 -8.77 12.43 -29.11
C GLN F 143 -8.91 11.26 -30.07
N LEU F 144 -10.12 10.95 -30.52
CA LEU F 144 -10.31 9.75 -31.36
C LEU F 144 -9.52 9.81 -32.65
N LYS F 145 -9.23 11.01 -33.12
CA LYS F 145 -8.47 11.18 -34.37
C LYS F 145 -7.08 10.49 -34.28
N SER F 146 -6.50 10.42 -33.09
CA SER F 146 -5.14 9.86 -32.96
C SER F 146 -5.09 8.40 -32.47
N GLY F 147 -6.25 7.72 -32.46
CA GLY F 147 -6.34 6.27 -32.28
C GLY F 147 -6.66 5.69 -30.92
N THR F 148 -6.77 6.51 -29.88
CA THR F 148 -7.06 6.02 -28.53
C THR F 148 -8.30 6.75 -27.99
N ALA F 149 -9.06 6.08 -27.13
CA ALA F 149 -10.22 6.65 -26.47
C ALA F 149 -10.00 6.57 -24.97
N SER F 150 -10.16 7.68 -24.26
CA SER F 150 -10.05 7.68 -22.80
C SER F 150 -11.44 8.03 -22.30
N VAL F 151 -11.97 7.20 -21.40
CA VAL F 151 -13.30 7.41 -20.78
C VAL F 151 -13.02 7.69 -19.32
N VAL F 152 -13.57 8.80 -18.77
CA VAL F 152 -13.24 9.22 -17.42
C VAL F 152 -14.41 9.14 -16.48
N CYS F 153 -14.20 8.63 -15.27
CA CYS F 153 -15.25 8.57 -14.23
C CYS F 153 -14.67 9.40 -13.11
N LEU F 154 -15.44 10.39 -12.60
CA LEU F 154 -15.05 11.24 -11.48
C LEU F 154 -15.86 10.93 -10.23
N LEU F 155 -15.21 10.79 -9.09
CA LEU F 155 -15.88 10.64 -7.79
C LEU F 155 -15.45 11.86 -7.01
N ASN F 156 -16.40 12.76 -6.73
CA ASN F 156 -16.08 14.04 -6.13
C ASN F 156 -16.46 14.17 -4.67
N ASN F 157 -15.49 14.64 -3.86
CA ASN F 157 -15.66 15.05 -2.45
C ASN F 157 -16.27 13.99 -1.55
N PHE F 158 -15.56 12.87 -1.36
CA PHE F 158 -16.06 11.77 -0.54
C PHE F 158 -15.12 11.46 0.63
N TYR F 159 -15.63 10.72 1.61
CA TYR F 159 -14.85 10.29 2.77
C TYR F 159 -15.58 9.04 3.34
N PRO F 160 -14.89 7.95 3.71
CA PRO F 160 -13.44 7.71 3.68
C PRO F 160 -12.88 7.40 2.29
N ARG F 161 -11.56 7.17 2.21
CA ARG F 161 -10.84 6.93 0.96
C ARG F 161 -11.32 5.72 0.18
N GLU F 162 -11.64 4.63 0.87
CA GLU F 162 -12.06 3.39 0.23
C GLU F 162 -13.26 3.57 -0.66
N ALA F 163 -13.13 3.21 -1.94
CA ALA F 163 -14.22 3.30 -2.90
C ALA F 163 -13.95 2.28 -3.98
N LYS F 164 -15.00 1.65 -4.48
CA LYS F 164 -14.86 0.68 -5.57
C LYS F 164 -15.47 1.30 -6.83
N VAL F 165 -14.68 1.34 -7.92
CA VAL F 165 -15.11 1.82 -9.21
C VAL F 165 -15.00 0.69 -10.19
N GLN F 166 -16.11 0.32 -10.80
CA GLN F 166 -16.13 -0.76 -11.77
C GLN F 166 -16.59 -0.26 -13.12
N TRP F 167 -15.79 -0.45 -14.15
CA TRP F 167 -16.18 -0.13 -15.51
C TRP F 167 -16.94 -1.26 -16.14
N LYS F 168 -17.97 -0.93 -16.92
CA LYS F 168 -18.76 -1.90 -17.68
C LYS F 168 -18.90 -1.35 -19.10
N VAL F 169 -18.66 -2.19 -20.09
CA VAL F 169 -18.77 -1.84 -21.50
C VAL F 169 -19.79 -2.85 -22.04
N ASP F 170 -20.96 -2.37 -22.49
CA ASP F 170 -22.08 -3.26 -22.91
C ASP F 170 -22.39 -4.33 -21.83
N ASN F 171 -22.33 -3.90 -20.56
CA ASN F 171 -22.55 -4.68 -19.33
C ASN F 171 -21.49 -5.72 -19.02
N ALA F 172 -20.38 -5.74 -19.77
CA ALA F 172 -19.30 -6.67 -19.48
C ALA F 172 -18.34 -5.95 -18.54
N LEU F 173 -18.04 -6.55 -17.41
CA LEU F 173 -17.14 -5.97 -16.42
C LEU F 173 -15.73 -5.94 -16.96
N GLN F 174 -15.09 -4.79 -16.78
CA GLN F 174 -13.73 -4.61 -17.23
C GLN F 174 -12.71 -4.82 -16.14
N SER F 175 -11.47 -5.12 -16.55
CA SER F 175 -10.36 -5.19 -15.62
C SER F 175 -9.03 -5.04 -16.39
N GLY F 176 -8.06 -4.38 -15.78
CA GLY F 176 -6.72 -4.26 -16.34
C GLY F 176 -6.52 -3.15 -17.37
N ASN F 177 -7.60 -2.47 -17.74
CA ASN F 177 -7.52 -1.42 -18.75
C ASN F 177 -7.91 -0.04 -18.22
N SER F 178 -7.80 0.15 -16.91
CA SER F 178 -8.07 1.43 -16.26
C SER F 178 -7.02 1.76 -15.22
N GLN F 179 -6.88 3.06 -14.93
CA GLN F 179 -5.97 3.56 -13.93
C GLN F 179 -6.71 4.61 -13.09
N GLU F 180 -6.46 4.63 -11.78
CA GLU F 180 -7.12 5.54 -10.86
C GLU F 180 -6.08 6.49 -10.30
N SER F 181 -6.56 7.67 -9.91
CA SER F 181 -5.75 8.64 -9.25
C SER F 181 -6.59 9.29 -8.16
N VAL F 182 -6.03 9.57 -6.99
CA VAL F 182 -6.79 10.16 -5.88
C VAL F 182 -6.10 11.42 -5.38
N THR F 183 -6.87 12.49 -5.09
CA THR F 183 -6.26 13.71 -4.58
C THR F 183 -5.90 13.52 -3.08
N GLU F 184 -5.06 14.41 -2.55
CA GLU F 184 -4.77 14.39 -1.11
C GLU F 184 -6.02 14.95 -0.43
N GLN F 185 -6.20 14.69 0.88
CA GLN F 185 -7.36 15.23 1.60
C GLN F 185 -7.45 16.75 1.46
N ASP F 186 -8.64 17.25 1.13
CA ASP F 186 -8.89 18.67 0.95
C ASP F 186 -8.53 19.45 2.22
N SER F 187 -7.80 20.56 2.06
CA SER F 187 -7.33 21.35 3.19
C SER F 187 -8.43 21.97 4.01
N LYS F 188 -9.66 22.10 3.48
CA LYS F 188 -10.75 22.66 4.28
C LYS F 188 -11.92 21.70 4.56
N ASP F 189 -12.17 20.71 3.66
CA ASP F 189 -13.25 19.68 3.70
C ASP F 189 -12.81 18.36 4.33
N SER F 190 -11.51 18.05 4.21
CA SER F 190 -10.91 16.76 4.57
C SER F 190 -11.42 15.60 3.68
N THR F 191 -12.04 15.90 2.52
CA THR F 191 -12.55 14.86 1.63
C THR F 191 -11.49 14.51 0.57
N TYR F 192 -11.74 13.44 -0.19
CA TYR F 192 -10.92 13.04 -1.30
C TYR F 192 -11.76 13.17 -2.57
N SER F 193 -11.07 13.23 -3.71
CA SER F 193 -11.72 13.06 -5.02
C SER F 193 -10.90 12.00 -5.76
N LEU F 194 -11.52 11.32 -6.71
CA LEU F 194 -10.84 10.26 -7.46
C LEU F 194 -11.23 10.29 -8.93
N SER F 195 -10.28 10.02 -9.82
CA SER F 195 -10.61 9.88 -11.24
C SER F 195 -10.23 8.47 -11.64
N SER F 196 -11.05 7.83 -12.47
CA SER F 196 -10.70 6.50 -12.99
C SER F 196 -10.76 6.71 -14.52
N THR F 197 -9.71 6.33 -15.23
CA THR F 197 -9.69 6.50 -16.68
C THR F 197 -9.60 5.13 -17.32
N LEU F 198 -10.58 4.80 -18.16
CA LEU F 198 -10.61 3.56 -18.91
C LEU F 198 -10.00 3.86 -20.28
N THR F 199 -8.96 3.11 -20.73
CA THR F 199 -8.33 3.44 -22.01
C THR F 199 -8.52 2.30 -22.97
N LEU F 200 -9.08 2.61 -24.13
CA LEU F 200 -9.35 1.65 -25.18
C LEU F 200 -8.77 2.16 -26.48
N SER F 201 -8.55 1.25 -27.44
CA SER F 201 -8.16 1.69 -28.78
C SER F 201 -9.46 2.28 -29.38
N LYS F 202 -9.36 3.15 -30.38
CA LYS F 202 -10.56 3.71 -31.01
C LYS F 202 -11.41 2.57 -31.64
N ALA F 203 -10.74 1.58 -32.27
CA ALA F 203 -11.45 0.45 -32.86
C ALA F 203 -12.28 -0.31 -31.80
N ASP F 204 -11.71 -0.56 -30.61
CA ASP F 204 -12.46 -1.20 -29.53
C ASP F 204 -13.58 -0.32 -29.03
N TYR F 205 -13.31 0.99 -28.84
CA TYR F 205 -14.34 1.92 -28.42
C TYR F 205 -15.55 1.96 -29.38
N GLU F 206 -15.29 1.98 -30.71
CA GLU F 206 -16.38 2.04 -31.69
C GLU F 206 -17.20 0.73 -31.80
N LYS F 207 -16.70 -0.38 -31.24
CA LYS F 207 -17.40 -1.67 -31.30
C LYS F 207 -18.52 -1.80 -30.27
N HIS F 208 -18.55 -0.95 -29.27
CA HIS F 208 -19.52 -1.05 -28.18
C HIS F 208 -20.36 0.20 -28.05
N LYS F 209 -21.49 0.09 -27.37
CA LYS F 209 -22.41 1.20 -27.23
C LYS F 209 -22.50 1.78 -25.81
N VAL F 210 -22.78 0.96 -24.79
CA VAL F 210 -23.00 1.47 -23.45
C VAL F 210 -21.74 1.48 -22.59
N TYR F 211 -21.34 2.66 -22.11
CA TYR F 211 -20.17 2.81 -21.26
C TYR F 211 -20.65 3.23 -19.89
N ALA F 212 -20.28 2.49 -18.84
CA ALA F 212 -20.77 2.84 -17.50
C ALA F 212 -19.73 2.69 -16.41
N CYS F 213 -19.77 3.54 -15.38
CA CYS F 213 -18.92 3.36 -14.22
C CYS F 213 -19.84 3.20 -13.02
N GLU F 214 -19.64 2.13 -12.28
CA GLU F 214 -20.45 1.82 -11.11
C GLU F 214 -19.61 2.03 -9.89
N VAL F 215 -20.12 2.82 -8.94
CA VAL F 215 -19.41 3.20 -7.76
C VAL F 215 -20.07 2.64 -6.50
N THR F 216 -19.26 2.06 -5.65
CA THR F 216 -19.67 1.54 -4.36
C THR F 216 -18.87 2.26 -3.29
N HIS F 217 -19.57 2.84 -2.29
CA HIS F 217 -18.91 3.61 -1.25
C HIS F 217 -19.77 3.59 0.01
N GLN F 218 -19.13 3.62 1.21
CA GLN F 218 -19.80 3.56 2.51
C GLN F 218 -20.94 4.58 2.62
N GLY F 219 -20.77 5.75 2.00
CA GLY F 219 -21.78 6.80 2.02
C GLY F 219 -22.98 6.59 1.12
N LEU F 220 -22.94 5.60 0.23
CA LEU F 220 -24.04 5.29 -0.71
C LEU F 220 -24.86 4.08 -0.22
N SER F 221 -26.18 4.23 -0.12
CA SER F 221 -27.03 3.13 0.34
C SER F 221 -26.95 1.91 -0.60
N SER F 222 -26.80 2.18 -1.90
CA SER F 222 -26.65 1.16 -2.94
C SER F 222 -25.68 1.75 -4.03
N PRO F 223 -25.04 0.91 -4.87
CA PRO F 223 -24.10 1.46 -5.87
C PRO F 223 -24.73 2.46 -6.82
N VAL F 224 -23.93 3.45 -7.26
CA VAL F 224 -24.40 4.48 -8.18
C VAL F 224 -23.75 4.22 -9.53
N THR F 225 -24.54 4.19 -10.60
CA THR F 225 -24.00 3.98 -11.94
C THR F 225 -24.26 5.21 -12.77
N LYS F 226 -23.20 5.73 -13.41
CA LYS F 226 -23.35 6.80 -14.38
C LYS F 226 -22.95 6.20 -15.76
N SER F 227 -23.72 6.50 -16.79
CA SER F 227 -23.46 5.89 -18.09
C SER F 227 -23.75 6.81 -19.28
N PHE F 228 -23.27 6.43 -20.45
CA PHE F 228 -23.58 7.10 -21.70
C PHE F 228 -23.59 6.06 -22.82
N ASN F 229 -24.30 6.35 -23.90
CA ASN F 229 -24.31 5.51 -25.09
C ASN F 229 -23.47 6.25 -26.11
N ARG F 230 -22.47 5.57 -26.70
CA ARG F 230 -21.57 6.19 -27.68
C ARG F 230 -22.37 6.79 -28.85
N GLY F 231 -22.20 8.09 -29.09
CA GLY F 231 -22.94 8.79 -30.15
C GLY F 231 -24.33 9.28 -29.76
#